data_9OJN
#
_entry.id   9OJN
#
_cell.length_a   1.00
_cell.length_b   1.00
_cell.length_c   1.00
_cell.angle_alpha   90.00
_cell.angle_beta   90.00
_cell.angle_gamma   90.00
#
_symmetry.space_group_name_H-M   'P 1'
#
loop_
_entity.id
_entity.type
_entity.pdbx_description
1 polymer 'Iron-sulfur-binding reductase'
2 non-polymer DODECYL-BETA-D-MALTOSIDE
3 non-polymer MENAQUINONE-9
4 non-polymer 'PROTOPORPHYRIN IX CONTAINING FE'
5 non-polymer 'IRON/SULFUR CLUSTER'
6 non-polymer 'Non-cubane [4Fe-4S]-cluster'
7 non-polymer 1,3,5,7-tetrathia-2$l^{2},4$l^{4},6$l^{2}-triferraspiro[3.3]heptane
#
_entity_poly.entity_id   1
_entity_poly.type   'polypeptide(L)'
_entity_poly.pdbx_seq_one_letter_code
;MAHTLEVSRLIIGLLMTAIVLVFAAKRVLWLTKLIRSGQKTLDENGRKNDLQKRITTQITEVFGQTRLLRWSVPGIAHFF
TMWGFFVLASVYLEAYGVLFDPEFHIPFIGRWPVLGFLQDFFAVAVLLGIIVFAIIRVVREPKKIGRDSRFYGSHTGGAW
EILFMIFLVIATYALFRGAAVNTLGERFPYQSGAFFSDFMAWILRPLGATANMWIETVALMGHIGVMLVFLLIVLHSKHL
HIGLAPINVTFKRLPNGLGPLLPMESNGEYIDFEDPAEDAVFGKGKIEDFTWKGYLDFTTCTECGRCQSQCPAWNTGKPL
SPKLVIMNLRDHMFAKAPYILGEKPSPLESTPEGGLGEKARGEKHEQKHAHDHVPESGFERILGSGPEQALRPLVGTEEQ
GGVIDPDVLWSCTNCGACVEQCPVDIEHIDHIVDMRRYQVMVESEFPGELGVLFKNLETKGNPWGQNAKDRTNWIDEVDF
DVPVYGEDVDSFDGFEYLFWVGCAGAYEDRAKKTTKAVAELLATAGVKFLVLGTGETCTGDSARRSGNEFLFQQLAAQNV
ETINELFEGVETVDRKIVVTCPHCFNTIGREYPQLGANYSVVHHTQLLNRLVRDKKLVPVKSVSEQNGQPVTYHDPCFLG
RHNKVYEAPRELVEASGVTLKEMPRHADRGLCCGAGGARMWMEEHIGKRVNVERTEEAMDTASTIATGCPFCRVMITDGV
DDVAASRNVEKAEVLDVAQLLLNSLDTSKVTLPEKGTAAKESEKRAAARAEAEAKAEAAAPPVEEAAPEAEAPAAPAAGG
AEAKPVTGLGMAGAAKRPGAKKAAPAAEASAAPAAAPAPAKGLGLAGGAKRPGAKKAAAPAAEAPAAPASDAPPVKGLGL
AGGAKRPGAKKTAAAAPAEKPAATEAPEASATPAAPAAPVKGLGLAAGAKRPGAKKTAAAPAEKPAAAETEAPAPAETAA
PAEPAKPEPPVVGLGIAAGARRPGAKKAAAKPAAAPAPAAEKPAEQAAEPEKPAEKPAEPEKPEPPVVGLGIKPGAKRPG
KR
;
_entity_poly.pdbx_strand_id   A
#
loop_
_chem_comp.id
_chem_comp.type
_chem_comp.name
_chem_comp.formula
9S8 non-polymer 'Non-cubane [4Fe-4S]-cluster' 'Fe4 S4'
A1CBX non-polymer 1,3,5,7-tetrathia-2$l^{2},4$l^{4},6$l^{2}-triferraspiro[3.3]heptane 'Fe3 S4'
HEM non-polymer 'PROTOPORPHYRIN IX CONTAINING FE' 'C34 H32 Fe N4 O4'
LMT D-saccharide DODECYL-BETA-D-MALTOSIDE 'C24 H46 O11'
MQ9 non-polymer MENAQUINONE-9 'C56 H80 O2'
SF4 non-polymer 'IRON/SULFUR CLUSTER' 'Fe4 S4'
#
# COMPACT_ATOMS: atom_id res chain seq x y z
N ALA A 2 -22.21 -56.00 -9.68
CA ALA A 2 -22.96 -54.75 -9.74
C ALA A 2 -23.08 -54.14 -8.35
N HIS A 3 -23.63 -54.92 -7.41
CA HIS A 3 -23.79 -54.42 -6.05
C HIS A 3 -22.45 -54.10 -5.41
N THR A 4 -21.38 -54.77 -5.83
CA THR A 4 -20.06 -54.48 -5.29
C THR A 4 -19.67 -53.03 -5.58
N LEU A 5 -19.89 -52.57 -6.81
CA LEU A 5 -19.68 -51.16 -7.12
C LEU A 5 -20.71 -50.29 -6.42
N GLU A 6 -21.90 -50.82 -6.16
CA GLU A 6 -22.96 -50.04 -5.52
C GLU A 6 -22.56 -49.61 -4.11
N VAL A 7 -21.92 -50.50 -3.36
CA VAL A 7 -21.59 -50.23 -1.96
C VAL A 7 -20.17 -49.70 -1.86
N SER A 8 -19.27 -50.19 -2.71
CA SER A 8 -17.88 -49.75 -2.65
C SER A 8 -17.77 -48.24 -2.80
N ARG A 9 -18.68 -47.62 -3.54
CA ARG A 9 -18.64 -46.17 -3.70
C ARG A 9 -18.79 -45.45 -2.37
N LEU A 10 -19.71 -45.91 -1.53
CA LEU A 10 -19.92 -45.28 -0.23
C LEU A 10 -18.81 -45.63 0.75
N ILE A 11 -18.35 -46.89 0.74
CA ILE A 11 -17.32 -47.31 1.69
C ILE A 11 -16.05 -46.50 1.48
N ILE A 12 -15.62 -46.37 0.22
CA ILE A 12 -14.42 -45.59 -0.07
C ILE A 12 -14.68 -44.11 0.13
N GLY A 13 -15.84 -43.62 -0.33
CA GLY A 13 -16.09 -42.19 -0.31
C GLY A 13 -16.12 -41.61 1.09
N LEU A 14 -16.84 -42.28 2.00
CA LEU A 14 -17.04 -41.72 3.34
C LEU A 14 -15.75 -41.72 4.14
N LEU A 15 -15.02 -42.85 4.13
CA LEU A 15 -13.78 -42.92 4.91
C LEU A 15 -12.75 -41.92 4.41
N MET A 16 -12.66 -41.74 3.09
CA MET A 16 -11.75 -40.73 2.56
C MET A 16 -12.08 -39.35 3.11
N THR A 17 -13.37 -39.00 3.13
CA THR A 17 -13.76 -37.71 3.68
C THR A 17 -13.43 -37.61 5.16
N ALA A 18 -13.81 -38.62 5.94
CA ALA A 18 -13.59 -38.56 7.38
C ALA A 18 -12.10 -38.52 7.70
N ILE A 19 -11.30 -39.35 7.04
CA ILE A 19 -9.87 -39.40 7.33
C ILE A 19 -9.22 -38.07 6.96
N VAL A 20 -9.56 -37.53 5.79
CA VAL A 20 -8.91 -36.29 5.34
C VAL A 20 -9.36 -35.11 6.18
N LEU A 21 -10.65 -35.02 6.48
CA LEU A 21 -11.13 -33.88 7.26
C LEU A 21 -10.46 -33.84 8.64
N VAL A 22 -9.98 -34.99 9.13
CA VAL A 22 -9.20 -34.98 10.36
C VAL A 22 -7.88 -34.26 10.15
N PHE A 23 -7.16 -34.62 9.09
CA PHE A 23 -5.89 -33.94 8.81
C PHE A 23 -6.12 -32.49 8.41
N ALA A 24 -7.14 -32.24 7.58
CA ALA A 24 -7.42 -30.86 7.17
C ALA A 24 -7.84 -30.01 8.36
N ALA A 25 -8.70 -30.54 9.22
CA ALA A 25 -9.13 -29.79 10.40
C ALA A 25 -8.03 -29.68 11.45
N LYS A 26 -7.06 -30.59 11.44
CA LYS A 26 -5.96 -30.50 12.39
C LYS A 26 -5.05 -29.31 12.08
N ARG A 27 -4.92 -28.94 10.81
CA ARG A 27 -4.10 -27.78 10.45
C ARG A 27 -4.88 -26.47 10.50
N VAL A 28 -6.18 -26.48 10.25
CA VAL A 28 -6.95 -25.25 10.36
C VAL A 28 -6.88 -24.70 11.78
N LEU A 29 -6.98 -25.58 12.77
CA LEU A 29 -6.75 -25.15 14.15
C LEU A 29 -5.31 -24.71 14.36
N TRP A 30 -4.36 -25.41 13.72
CA TRP A 30 -2.96 -25.04 13.86
C TRP A 30 -2.67 -23.65 13.28
N LEU A 31 -3.20 -23.37 12.09
CA LEU A 31 -3.03 -22.04 11.52
C LEU A 31 -3.71 -20.98 12.38
N THR A 32 -4.91 -21.27 12.88
CA THR A 32 -5.58 -20.35 13.79
C THR A 32 -4.76 -20.15 15.06
N LYS A 33 -4.19 -21.24 15.58
CA LYS A 33 -3.34 -21.14 16.77
C LYS A 33 -2.09 -20.32 16.51
N LEU A 34 -1.70 -20.15 15.25
CA LEU A 34 -0.52 -19.38 14.90
C LEU A 34 -0.84 -17.93 14.56
N ILE A 35 -1.87 -17.71 13.76
CA ILE A 35 -2.23 -16.35 13.36
C ILE A 35 -2.70 -15.55 14.57
N ARG A 36 -3.42 -16.19 15.49
CA ARG A 36 -3.93 -15.51 16.68
C ARG A 36 -2.93 -15.47 17.81
N SER A 37 -1.72 -16.03 17.63
CA SER A 37 -0.70 -15.94 18.65
C SER A 37 0.06 -14.62 18.62
N GLY A 38 -0.18 -13.78 17.62
CA GLY A 38 0.49 -12.50 17.54
C GLY A 38 -0.08 -11.49 18.53
N GLN A 39 0.61 -10.37 18.64
CA GLN A 39 0.21 -9.33 19.58
C GLN A 39 -1.14 -8.74 19.18
N LYS A 40 -1.93 -8.38 20.18
CA LYS A 40 -3.24 -7.80 19.91
C LYS A 40 -3.10 -6.36 19.42
N THR A 41 -4.20 -5.83 18.89
CA THR A 41 -4.21 -4.54 18.21
C THR A 41 -5.24 -3.62 18.84
N LEU A 42 -4.92 -2.32 18.84
CA LEU A 42 -5.85 -1.29 19.27
C LEU A 42 -6.41 -0.46 18.13
N ASP A 43 -5.72 -0.39 16.99
CA ASP A 43 -6.18 0.45 15.90
C ASP A 43 -7.58 0.07 15.47
N GLU A 44 -8.45 1.08 15.34
CA GLU A 44 -9.84 0.87 14.93
C GLU A 44 -10.50 -0.22 15.78
N ASN A 45 -10.32 -0.11 17.09
CA ASN A 45 -10.92 -1.06 18.03
C ASN A 45 -10.54 -2.49 17.66
N GLY A 46 -9.25 -2.69 17.37
CA GLY A 46 -8.79 -3.99 16.91
C GLY A 46 -9.19 -4.33 15.50
N ARG A 47 -9.25 -3.34 14.61
CA ARG A 47 -9.70 -3.53 13.24
C ARG A 47 -11.13 -4.07 13.21
N LYS A 48 -11.98 -3.53 14.08
CA LYS A 48 -13.39 -3.92 14.11
C LYS A 48 -14.35 -2.74 14.00
N ASN A 49 -13.89 -1.50 14.15
CA ASN A 49 -14.78 -0.37 14.06
C ASN A 49 -15.26 -0.19 12.62
N ASP A 50 -16.40 0.48 12.47
CA ASP A 50 -17.04 0.67 11.17
C ASP A 50 -17.29 -0.67 10.49
N LEU A 51 -17.83 -1.61 11.25
CA LEU A 51 -17.97 -2.98 10.78
C LEU A 51 -18.82 -3.05 9.51
N GLN A 52 -19.93 -2.29 9.47
CA GLN A 52 -20.80 -2.36 8.31
C GLN A 52 -20.06 -1.95 7.04
N LYS A 53 -19.19 -0.95 7.13
CA LYS A 53 -18.41 -0.53 5.97
C LYS A 53 -17.31 -1.52 5.61
N ARG A 54 -16.90 -2.38 6.55
CA ARG A 54 -15.85 -3.35 6.24
C ARG A 54 -16.36 -4.47 5.36
N ILE A 55 -17.56 -4.99 5.64
CA ILE A 55 -18.15 -6.00 4.77
C ILE A 55 -18.56 -5.37 3.44
N THR A 56 -18.88 -4.08 3.43
CA THR A 56 -19.21 -3.43 2.16
C THR A 56 -18.02 -3.46 1.21
N THR A 57 -16.82 -3.16 1.72
CA THR A 57 -15.62 -3.26 0.91
C THR A 57 -15.17 -4.71 0.73
N GLN A 58 -15.42 -5.55 1.73
CA GLN A 58 -15.06 -6.96 1.61
C GLN A 58 -15.82 -7.62 0.46
N ILE A 59 -17.12 -7.35 0.35
CA ILE A 59 -17.91 -7.93 -0.73
C ILE A 59 -17.47 -7.36 -2.07
N THR A 60 -17.31 -6.03 -2.15
CA THR A 60 -16.93 -5.42 -3.42
C THR A 60 -15.55 -5.87 -3.87
N GLU A 61 -14.59 -5.91 -2.95
CA GLU A 61 -13.23 -6.27 -3.33
C GLU A 61 -13.07 -7.77 -3.57
N VAL A 62 -13.83 -8.61 -2.86
CA VAL A 62 -13.70 -10.05 -3.00
C VAL A 62 -14.58 -10.54 -4.13
N PHE A 63 -15.90 -10.39 -3.99
CA PHE A 63 -16.81 -10.87 -5.02
C PHE A 63 -16.73 -10.01 -6.28
N GLY A 64 -16.73 -8.68 -6.12
CA GLY A 64 -16.59 -7.80 -7.26
C GLY A 64 -15.20 -7.77 -7.85
N GLN A 65 -14.19 -8.12 -7.05
CA GLN A 65 -12.81 -8.19 -7.52
C GLN A 65 -12.35 -6.85 -8.10
N THR A 66 -12.90 -5.75 -7.57
CA THR A 66 -12.49 -4.42 -8.04
C THR A 66 -11.01 -4.18 -7.79
N ARG A 67 -10.52 -4.56 -6.61
CA ARG A 67 -9.11 -4.40 -6.31
C ARG A 67 -8.24 -5.30 -7.19
N LEU A 68 -8.77 -6.42 -7.64
CA LEU A 68 -8.00 -7.41 -8.37
C LEU A 68 -8.06 -7.23 -9.89
N LEU A 69 -9.19 -6.75 -10.42
CA LEU A 69 -9.34 -6.59 -11.86
C LEU A 69 -8.50 -5.46 -12.43
N ARG A 70 -7.86 -4.64 -11.59
CA ARG A 70 -7.06 -3.54 -12.11
C ARG A 70 -5.98 -4.04 -13.07
N TRP A 71 -5.44 -5.23 -12.83
CA TRP A 71 -4.54 -5.87 -13.77
C TRP A 71 -5.38 -6.73 -14.71
N SER A 72 -5.54 -6.27 -15.95
CA SER A 72 -6.56 -6.83 -16.83
C SER A 72 -6.37 -8.33 -17.03
N VAL A 73 -5.25 -8.74 -17.63
CA VAL A 73 -5.10 -10.13 -18.05
C VAL A 73 -5.23 -11.09 -16.89
N PRO A 74 -4.53 -10.93 -15.77
CA PRO A 74 -4.67 -11.90 -14.67
C PRO A 74 -5.96 -11.73 -13.90
N GLY A 75 -6.45 -10.50 -13.73
CA GLY A 75 -7.66 -10.28 -12.96
C GLY A 75 -8.88 -10.91 -13.60
N ILE A 76 -9.03 -10.74 -14.91
CA ILE A 76 -10.18 -11.32 -15.60
C ILE A 76 -10.15 -12.83 -15.49
N ALA A 77 -8.97 -13.44 -15.70
CA ALA A 77 -8.85 -14.89 -15.59
C ALA A 77 -9.20 -15.37 -14.20
N HIS A 78 -8.71 -14.68 -13.17
CA HIS A 78 -9.01 -15.07 -11.80
C HIS A 78 -10.49 -14.93 -11.48
N PHE A 79 -11.17 -13.98 -12.14
CA PHE A 79 -12.60 -13.79 -11.88
C PHE A 79 -13.37 -15.07 -12.19
N PHE A 80 -13.08 -15.70 -13.33
CA PHE A 80 -13.72 -16.96 -13.66
C PHE A 80 -13.16 -18.12 -12.85
N THR A 81 -11.87 -18.05 -12.51
CA THR A 81 -11.29 -19.07 -11.63
C THR A 81 -11.92 -19.02 -10.25
N MET A 82 -12.15 -17.81 -9.72
CA MET A 82 -12.73 -17.68 -8.40
C MET A 82 -14.19 -18.08 -8.39
N TRP A 83 -15.02 -17.38 -9.18
CA TRP A 83 -16.45 -17.68 -9.20
C TRP A 83 -16.70 -19.13 -9.58
N GLY A 84 -15.83 -19.73 -10.39
CA GLY A 84 -16.01 -21.13 -10.71
C GLY A 84 -16.00 -22.01 -9.48
N PHE A 85 -15.08 -21.74 -8.55
CA PHE A 85 -15.00 -22.55 -7.33
C PHE A 85 -16.33 -22.53 -6.58
N PHE A 86 -16.97 -21.37 -6.50
CA PHE A 86 -18.28 -21.30 -5.85
C PHE A 86 -19.30 -22.15 -6.58
N VAL A 87 -19.31 -22.10 -7.90
CA VAL A 87 -20.28 -22.88 -8.67
C VAL A 87 -19.97 -24.36 -8.58
N LEU A 88 -18.69 -24.72 -8.74
CA LEU A 88 -18.32 -26.13 -8.64
C LEU A 88 -18.60 -26.70 -7.26
N ALA A 89 -18.75 -25.86 -6.24
CA ALA A 89 -19.15 -26.36 -4.93
C ALA A 89 -20.48 -27.10 -5.00
N SER A 90 -21.38 -26.66 -5.89
CA SER A 90 -22.64 -27.37 -6.06
C SER A 90 -22.41 -28.77 -6.60
N VAL A 91 -21.43 -28.94 -7.48
CA VAL A 91 -21.14 -30.25 -8.04
C VAL A 91 -20.77 -31.23 -6.94
N TYR A 92 -19.92 -30.80 -6.00
CA TYR A 92 -19.50 -31.70 -4.93
C TYR A 92 -20.67 -32.10 -4.04
N LEU A 93 -21.66 -31.22 -3.88
CA LEU A 93 -22.86 -31.60 -3.16
C LEU A 93 -23.57 -32.74 -3.88
N GLU A 94 -23.67 -32.65 -5.20
CA GLU A 94 -24.28 -33.74 -5.97
C GLU A 94 -23.45 -35.01 -5.86
N ALA A 95 -22.12 -34.88 -5.96
CA ALA A 95 -21.26 -36.07 -5.93
C ALA A 95 -21.37 -36.79 -4.61
N TYR A 96 -21.33 -36.06 -3.50
CA TYR A 96 -21.44 -36.70 -2.19
C TYR A 96 -22.81 -37.34 -2.00
N GLY A 97 -23.88 -36.62 -2.37
CA GLY A 97 -25.21 -37.19 -2.21
C GLY A 97 -25.44 -38.39 -3.08
N VAL A 98 -24.85 -38.41 -4.28
CA VAL A 98 -25.01 -39.55 -5.18
C VAL A 98 -24.51 -40.83 -4.53
N LEU A 99 -23.57 -40.71 -3.58
CA LEU A 99 -23.06 -41.91 -2.91
C LEU A 99 -24.17 -42.62 -2.16
N PHE A 100 -25.02 -41.88 -1.45
CA PHE A 100 -26.10 -42.50 -0.70
C PHE A 100 -27.11 -43.17 -1.62
N ASP A 101 -27.42 -42.54 -2.76
CA ASP A 101 -28.32 -43.11 -3.73
C ASP A 101 -28.05 -42.51 -5.11
N PRO A 102 -27.99 -43.32 -6.17
CA PRO A 102 -27.67 -42.76 -7.49
C PRO A 102 -28.73 -41.80 -8.00
N GLU A 103 -29.93 -41.79 -7.45
CA GLU A 103 -30.98 -40.89 -7.87
C GLU A 103 -30.88 -39.52 -7.21
N PHE A 104 -29.85 -39.29 -6.39
CA PHE A 104 -29.74 -38.03 -5.67
C PHE A 104 -29.58 -36.86 -6.63
N HIS A 105 -30.15 -35.72 -6.24
CA HIS A 105 -29.95 -34.46 -6.94
C HIS A 105 -30.27 -33.34 -5.97
N ILE A 106 -29.76 -32.14 -6.27
CA ILE A 106 -30.02 -30.99 -5.42
C ILE A 106 -31.53 -30.83 -5.32
N PRO A 107 -32.14 -31.11 -4.16
CA PRO A 107 -33.60 -31.20 -4.09
C PRO A 107 -34.34 -30.08 -4.82
N PHE A 108 -34.04 -28.84 -4.47
CA PHE A 108 -34.82 -27.73 -4.99
C PHE A 108 -34.46 -27.38 -6.44
N ILE A 109 -33.20 -27.54 -6.82
CA ILE A 109 -32.71 -27.03 -8.11
C ILE A 109 -31.96 -28.12 -8.87
N GLY A 110 -31.98 -29.35 -8.34
CA GLY A 110 -31.18 -30.41 -8.92
C GLY A 110 -31.56 -30.80 -10.33
N ARG A 111 -32.73 -30.39 -10.81
CA ARG A 111 -33.16 -30.67 -12.18
C ARG A 111 -33.36 -29.40 -13.00
N TRP A 112 -33.06 -28.24 -12.45
CA TRP A 112 -33.27 -26.99 -13.20
C TRP A 112 -32.23 -26.91 -14.32
N PRO A 113 -32.65 -26.76 -15.58
CA PRO A 113 -31.65 -26.77 -16.66
C PRO A 113 -30.64 -25.65 -16.58
N VAL A 114 -31.01 -24.50 -16.04
CA VAL A 114 -30.10 -23.35 -16.04
C VAL A 114 -28.86 -23.64 -15.21
N LEU A 115 -29.04 -24.24 -14.03
CA LEU A 115 -27.90 -24.51 -13.16
C LEU A 115 -26.88 -25.41 -13.84
N GLY A 116 -27.32 -26.32 -14.70
CA GLY A 116 -26.39 -27.14 -15.45
C GLY A 116 -25.52 -26.32 -16.38
N PHE A 117 -26.10 -25.31 -17.02
CA PHE A 117 -25.32 -24.46 -17.92
C PHE A 117 -24.22 -23.73 -17.16
N LEU A 118 -24.54 -23.18 -15.98
CA LEU A 118 -23.53 -22.47 -15.20
C LEU A 118 -22.39 -23.39 -14.81
N GLN A 119 -22.72 -24.58 -14.30
CA GLN A 119 -21.68 -25.53 -13.93
C GLN A 119 -20.84 -25.90 -15.14
N ASP A 120 -21.49 -26.18 -16.27
CA ASP A 120 -20.77 -26.48 -17.49
C ASP A 120 -20.02 -25.26 -18.01
N PHE A 121 -20.65 -24.09 -17.97
CA PHE A 121 -19.99 -22.87 -18.42
C PHE A 121 -18.75 -22.59 -17.59
N PHE A 122 -18.85 -22.72 -16.27
CA PHE A 122 -17.70 -22.56 -15.39
C PHE A 122 -16.76 -23.75 -15.44
N ALA A 123 -17.25 -24.94 -15.80
CA ALA A 123 -16.39 -26.11 -15.88
C ALA A 123 -15.29 -25.91 -16.92
N VAL A 124 -15.52 -25.07 -17.93
CA VAL A 124 -14.54 -24.79 -18.96
C VAL A 124 -13.92 -23.42 -18.71
N ALA A 125 -14.67 -22.52 -18.08
CA ALA A 125 -14.14 -21.20 -17.76
C ALA A 125 -12.96 -21.31 -16.80
N VAL A 126 -13.06 -22.21 -15.80
CA VAL A 126 -11.92 -22.46 -14.93
C VAL A 126 -10.76 -23.03 -15.72
N LEU A 127 -11.05 -23.92 -16.67
CA LEU A 127 -9.99 -24.47 -17.52
C LEU A 127 -9.24 -23.36 -18.22
N LEU A 128 -9.95 -22.36 -18.74
CA LEU A 128 -9.28 -21.20 -19.33
C LEU A 128 -8.47 -20.45 -18.29
N GLY A 129 -9.01 -20.29 -17.08
CA GLY A 129 -8.25 -19.63 -16.03
C GLY A 129 -6.92 -20.30 -15.76
N ILE A 130 -6.93 -21.63 -15.71
CA ILE A 130 -5.67 -22.37 -15.51
C ILE A 130 -4.73 -22.08 -16.67
N ILE A 131 -5.24 -22.13 -17.90
CA ILE A 131 -4.38 -21.90 -19.07
C ILE A 131 -3.83 -20.48 -19.04
N VAL A 132 -4.69 -19.49 -18.78
CA VAL A 132 -4.24 -18.10 -18.75
C VAL A 132 -3.16 -17.92 -17.69
N PHE A 133 -3.39 -18.46 -16.50
CA PHE A 133 -2.35 -18.43 -15.47
C PHE A 133 -1.11 -19.21 -15.92
N ALA A 134 -1.32 -20.36 -16.55
CA ALA A 134 -0.18 -21.15 -17.02
C ALA A 134 0.63 -20.39 -18.06
N ILE A 135 -0.04 -19.74 -19.01
CA ILE A 135 0.67 -19.02 -20.05
C ILE A 135 1.51 -17.89 -19.47
N ILE A 136 0.94 -17.16 -18.50
CA ILE A 136 1.67 -16.02 -17.93
C ILE A 136 3.00 -16.47 -17.33
N ARG A 137 2.98 -17.58 -16.58
CA ARG A 137 4.20 -18.04 -15.95
C ARG A 137 5.21 -18.56 -16.97
N VAL A 138 4.73 -19.14 -18.08
CA VAL A 138 5.65 -19.58 -19.12
C VAL A 138 6.27 -18.37 -19.82
N VAL A 139 5.47 -17.34 -20.09
CA VAL A 139 5.99 -16.15 -20.75
C VAL A 139 6.91 -15.37 -19.80
N ARG A 140 6.55 -15.30 -18.53
CA ARG A 140 7.28 -14.52 -17.54
C ARG A 140 8.16 -15.43 -16.67
N GLU A 141 8.77 -16.44 -17.27
CA GLU A 141 9.57 -17.41 -16.52
C GLU A 141 10.71 -16.70 -15.80
N PRO A 142 10.83 -16.83 -14.47
CA PRO A 142 11.93 -16.15 -13.77
C PRO A 142 13.31 -16.52 -14.28
N LYS A 143 13.53 -17.79 -14.61
CA LYS A 143 14.85 -18.21 -15.05
C LYS A 143 15.19 -17.66 -16.43
N LYS A 144 14.19 -17.29 -17.23
CA LYS A 144 14.42 -16.77 -18.56
C LYS A 144 14.55 -15.24 -18.59
N ILE A 145 13.97 -14.55 -17.61
CA ILE A 145 13.90 -13.09 -17.63
C ILE A 145 14.71 -12.50 -16.48
N GLY A 146 14.81 -13.22 -15.38
CA GLY A 146 15.57 -12.75 -14.24
C GLY A 146 14.78 -11.84 -13.33
N ARG A 147 15.42 -10.77 -12.86
CA ARG A 147 14.78 -9.91 -11.87
C ARG A 147 13.58 -9.16 -12.45
N ASP A 148 13.61 -8.87 -13.75
CA ASP A 148 12.47 -8.19 -14.37
C ASP A 148 11.22 -9.04 -14.36
N SER A 149 11.32 -10.33 -14.09
CA SER A 149 10.15 -11.19 -14.05
C SER A 149 9.30 -10.89 -12.83
N ARG A 150 7.98 -10.82 -13.04
CA ARG A 150 7.05 -10.59 -11.95
C ARG A 150 7.09 -11.70 -10.92
N PHE A 151 7.63 -12.87 -11.26
CA PHE A 151 7.62 -14.04 -10.39
C PHE A 151 9.00 -14.36 -9.83
N TYR A 152 9.96 -13.46 -9.97
CA TYR A 152 11.30 -13.71 -9.47
C TYR A 152 11.28 -13.84 -7.96
N GLY A 153 11.93 -14.89 -7.46
CA GLY A 153 11.96 -15.19 -6.04
C GLY A 153 10.78 -16.01 -5.56
N SER A 154 9.73 -16.12 -6.35
CA SER A 154 8.56 -16.90 -5.97
C SER A 154 8.86 -18.39 -6.11
N HIS A 155 8.12 -19.19 -5.33
CA HIS A 155 8.27 -20.64 -5.37
C HIS A 155 7.40 -21.17 -6.51
N THR A 156 8.04 -21.34 -7.67
CA THR A 156 7.32 -21.80 -8.85
C THR A 156 6.80 -23.23 -8.67
N GLY A 157 7.52 -24.05 -7.91
CA GLY A 157 7.11 -25.43 -7.75
C GLY A 157 5.72 -25.56 -7.15
N GLY A 158 5.42 -24.76 -6.13
CA GLY A 158 4.12 -24.81 -5.50
C GLY A 158 3.00 -24.21 -6.33
N ALA A 159 3.33 -23.30 -7.25
CA ALA A 159 2.30 -22.69 -8.08
C ALA A 159 1.80 -23.66 -9.15
N TRP A 160 2.72 -24.40 -9.78
CA TRP A 160 2.30 -25.38 -10.78
C TRP A 160 1.57 -26.56 -10.14
N GLU A 161 1.91 -26.89 -8.89
CA GLU A 161 1.26 -28.03 -8.24
C GLU A 161 -0.23 -27.78 -8.07
N ILE A 162 -0.62 -26.57 -7.67
CA ILE A 162 -2.04 -26.28 -7.50
C ILE A 162 -2.75 -26.20 -8.86
N LEU A 163 -2.10 -25.58 -9.85
CA LEU A 163 -2.72 -25.50 -11.17
C LEU A 163 -2.99 -26.89 -11.73
N PHE A 164 -2.09 -27.84 -11.47
CA PHE A 164 -2.30 -29.20 -11.96
C PHE A 164 -3.54 -29.83 -11.33
N MET A 165 -3.76 -29.58 -10.03
CA MET A 165 -4.90 -30.20 -9.36
C MET A 165 -6.22 -29.67 -9.89
N ILE A 166 -6.30 -28.38 -10.21
CA ILE A 166 -7.52 -27.84 -10.80
C ILE A 166 -7.80 -28.52 -12.13
N PHE A 167 -6.75 -28.79 -12.90
CA PHE A 167 -6.93 -29.51 -14.17
C PHE A 167 -7.50 -30.90 -13.93
N LEU A 168 -7.00 -31.60 -12.91
CA LEU A 168 -7.52 -32.93 -12.61
C LEU A 168 -8.98 -32.87 -12.18
N VAL A 169 -9.34 -31.87 -11.39
CA VAL A 169 -10.73 -31.75 -10.95
C VAL A 169 -11.66 -31.63 -12.16
N ILE A 170 -11.28 -30.79 -13.12
CA ILE A 170 -12.07 -30.68 -14.35
C ILE A 170 -12.03 -32.00 -15.12
N ALA A 171 -10.84 -32.59 -15.25
CA ALA A 171 -10.72 -33.84 -15.99
C ALA A 171 -11.54 -34.95 -15.35
N THR A 172 -11.48 -35.06 -14.01
CA THR A 172 -12.33 -36.01 -13.32
C THR A 172 -13.79 -35.60 -13.42
N TYR A 173 -14.07 -34.31 -13.36
CA TYR A 173 -15.45 -33.83 -13.48
C TYR A 173 -16.03 -34.20 -14.84
N ALA A 174 -15.26 -34.01 -15.91
CA ALA A 174 -15.74 -34.33 -17.24
C ALA A 174 -16.03 -35.82 -17.37
N LEU A 175 -15.15 -36.66 -16.82
CA LEU A 175 -15.37 -38.11 -16.90
C LEU A 175 -16.62 -38.54 -16.16
N PHE A 176 -16.88 -37.95 -14.99
CA PHE A 176 -18.08 -38.30 -14.24
C PHE A 176 -19.34 -37.93 -15.00
N ARG A 177 -19.37 -36.73 -15.60
CA ARG A 177 -20.57 -36.29 -16.30
C ARG A 177 -20.93 -37.25 -17.43
N GLY A 178 -19.94 -37.60 -18.25
CA GLY A 178 -20.21 -38.55 -19.33
C GLY A 178 -20.63 -39.91 -18.81
N ALA A 179 -19.91 -40.42 -17.80
CA ALA A 179 -20.27 -41.71 -17.23
C ALA A 179 -21.66 -41.67 -16.61
N ALA A 180 -21.98 -40.58 -15.92
CA ALA A 180 -23.29 -40.49 -15.26
C ALA A 180 -24.42 -40.52 -16.28
N VAL A 181 -24.26 -39.82 -17.40
CA VAL A 181 -25.30 -39.80 -18.42
C VAL A 181 -25.52 -41.19 -18.99
N ASN A 182 -24.44 -41.91 -19.27
CA ASN A 182 -24.57 -43.24 -19.86
C ASN A 182 -25.22 -44.21 -18.88
N THR A 183 -24.79 -44.19 -17.61
CA THR A 183 -25.33 -45.15 -16.64
C THR A 183 -26.75 -44.79 -16.22
N LEU A 184 -27.02 -43.50 -16.00
CA LEU A 184 -28.33 -43.09 -15.50
C LEU A 184 -29.34 -42.89 -16.61
N GLY A 185 -28.92 -42.48 -17.80
CA GLY A 185 -29.86 -42.28 -18.88
C GLY A 185 -30.88 -41.22 -18.52
N GLU A 186 -32.16 -41.56 -18.65
CA GLU A 186 -33.22 -40.60 -18.37
C GLU A 186 -33.19 -40.15 -16.92
N ARG A 187 -32.72 -41.01 -16.01
CA ARG A 187 -32.65 -40.64 -14.60
C ARG A 187 -31.54 -39.63 -14.31
N PHE A 188 -30.68 -39.33 -15.27
CA PHE A 188 -29.64 -38.34 -15.05
C PHE A 188 -30.29 -37.00 -14.70
N PRO A 189 -29.79 -36.29 -13.69
CA PRO A 189 -30.46 -35.04 -13.26
C PRO A 189 -30.67 -34.04 -14.40
N TYR A 190 -29.60 -33.67 -15.10
CA TYR A 190 -29.68 -32.65 -16.13
C TYR A 190 -29.87 -33.31 -17.50
N GLN A 191 -31.06 -33.92 -17.65
CA GLN A 191 -31.39 -34.59 -18.89
C GLN A 191 -31.47 -33.62 -20.07
N SER A 192 -31.67 -32.34 -19.81
CA SER A 192 -31.73 -31.33 -20.84
C SER A 192 -30.71 -30.23 -20.55
N GLY A 193 -30.20 -29.62 -21.62
CA GLY A 193 -29.17 -28.62 -21.44
C GLY A 193 -27.84 -29.26 -21.05
N ALA A 194 -27.00 -28.47 -20.38
CA ALA A 194 -25.70 -28.92 -19.91
C ALA A 194 -24.84 -29.41 -21.08
N PHE A 195 -24.50 -28.44 -21.95
CA PHE A 195 -23.79 -28.77 -23.18
C PHE A 195 -22.46 -29.48 -22.89
N PHE A 196 -21.70 -28.99 -21.90
CA PHE A 196 -20.41 -29.61 -21.60
C PHE A 196 -20.60 -31.01 -21.02
N SER A 197 -21.67 -31.23 -20.25
CA SER A 197 -21.96 -32.56 -19.75
C SER A 197 -22.50 -33.45 -20.86
N ASP A 198 -23.37 -32.91 -21.71
CA ASP A 198 -23.85 -33.65 -22.87
C ASP A 198 -22.70 -33.97 -23.81
N PHE A 199 -21.77 -33.03 -23.99
CA PHE A 199 -20.66 -33.23 -24.90
C PHE A 199 -19.83 -34.45 -24.47
N MET A 200 -19.53 -34.55 -23.18
CA MET A 200 -18.70 -35.65 -22.70
C MET A 200 -19.40 -36.99 -22.94
N ALA A 201 -20.70 -37.06 -22.69
CA ALA A 201 -21.42 -38.32 -22.88
C ALA A 201 -21.29 -38.82 -24.31
N TRP A 202 -21.27 -37.90 -25.28
CA TRP A 202 -21.17 -38.30 -26.68
C TRP A 202 -19.87 -39.03 -26.96
N ILE A 203 -18.75 -38.48 -26.47
CA ILE A 203 -17.46 -39.12 -26.69
C ILE A 203 -17.34 -40.40 -25.88
N LEU A 204 -17.95 -40.46 -24.70
CA LEU A 204 -17.91 -41.66 -23.88
C LEU A 204 -18.98 -42.67 -24.27
N ARG A 205 -19.90 -42.31 -25.17
CA ARG A 205 -20.98 -43.22 -25.53
C ARG A 205 -20.48 -44.53 -26.12
N PRO A 206 -19.49 -44.56 -27.01
CA PRO A 206 -19.12 -45.84 -27.65
C PRO A 206 -18.74 -46.93 -26.67
N LEU A 207 -18.16 -46.59 -25.52
CA LEU A 207 -17.78 -47.61 -24.55
C LEU A 207 -18.97 -48.42 -24.06
N GLY A 208 -20.18 -47.85 -24.12
CA GLY A 208 -21.37 -48.58 -23.75
C GLY A 208 -21.60 -48.60 -22.25
N ALA A 209 -22.81 -49.03 -21.87
CA ALA A 209 -23.16 -49.09 -20.46
C ALA A 209 -22.36 -50.15 -19.72
N THR A 210 -21.93 -51.21 -20.42
CA THR A 210 -21.17 -52.27 -19.76
C THR A 210 -19.87 -51.73 -19.20
N ALA A 211 -19.17 -50.89 -19.96
CA ALA A 211 -17.88 -50.37 -19.50
C ALA A 211 -18.06 -49.20 -18.55
N ASN A 212 -18.99 -48.29 -18.85
CA ASN A 212 -19.14 -47.07 -18.06
C ASN A 212 -19.59 -47.33 -16.64
N MET A 213 -20.05 -48.54 -16.32
CA MET A 213 -20.41 -48.83 -14.93
C MET A 213 -19.21 -48.67 -14.01
N TRP A 214 -18.05 -49.18 -14.43
CA TRP A 214 -16.83 -49.00 -13.65
C TRP A 214 -16.25 -47.60 -13.81
N ILE A 215 -16.42 -47.00 -14.98
CA ILE A 215 -15.85 -45.67 -15.21
C ILE A 215 -16.46 -44.65 -14.25
N GLU A 216 -17.78 -44.70 -14.07
CA GLU A 216 -18.44 -43.74 -13.19
C GLU A 216 -17.89 -43.82 -11.78
N THR A 217 -17.80 -45.05 -11.23
CA THR A 217 -17.25 -45.21 -9.88
C THR A 217 -15.80 -44.75 -9.82
N VAL A 218 -15.00 -45.14 -10.80
CA VAL A 218 -13.60 -44.72 -10.83
C VAL A 218 -13.52 -43.21 -10.95
N ALA A 219 -14.32 -42.62 -11.84
CA ALA A 219 -14.32 -41.17 -11.99
C ALA A 219 -14.78 -40.49 -10.72
N LEU A 220 -15.86 -41.00 -10.11
CA LEU A 220 -16.40 -40.35 -8.91
C LEU A 220 -15.39 -40.38 -7.77
N MET A 221 -14.87 -41.57 -7.45
CA MET A 221 -13.88 -41.66 -6.37
C MET A 221 -12.69 -40.75 -6.64
N GLY A 222 -12.33 -40.58 -7.92
CA GLY A 222 -11.29 -39.61 -8.25
C GLY A 222 -11.74 -38.19 -7.97
N HIS A 223 -12.99 -37.86 -8.28
CA HIS A 223 -13.47 -36.51 -8.08
C HIS A 223 -13.47 -36.14 -6.60
N ILE A 224 -13.99 -37.03 -5.75
CA ILE A 224 -13.92 -36.81 -4.30
C ILE A 224 -12.48 -36.96 -3.81
N GLY A 225 -11.78 -37.99 -4.29
CA GLY A 225 -10.42 -38.22 -3.82
C GLY A 225 -9.49 -37.07 -4.18
N VAL A 226 -9.57 -36.59 -5.41
CA VAL A 226 -8.71 -35.49 -5.84
C VAL A 226 -9.01 -34.24 -5.02
N MET A 227 -10.30 -33.95 -4.81
CA MET A 227 -10.66 -32.76 -4.03
C MET A 227 -10.10 -32.85 -2.62
N LEU A 228 -10.31 -34.00 -1.96
CA LEU A 228 -9.80 -34.16 -0.60
C LEU A 228 -8.28 -34.07 -0.57
N VAL A 229 -7.61 -34.71 -1.52
CA VAL A 229 -6.16 -34.59 -1.61
C VAL A 229 -5.77 -33.15 -1.95
N PHE A 230 -6.56 -32.49 -2.81
CA PHE A 230 -6.30 -31.10 -3.13
C PHE A 230 -6.55 -30.20 -1.92
N LEU A 231 -7.54 -30.54 -1.09
CA LEU A 231 -7.82 -29.73 0.09
C LEU A 231 -6.64 -29.73 1.05
N LEU A 232 -6.01 -30.90 1.26
CA LEU A 232 -4.85 -30.97 2.13
C LEU A 232 -3.70 -30.14 1.57
N ILE A 233 -3.53 -30.16 0.25
CA ILE A 233 -2.44 -29.40 -0.36
C ILE A 233 -2.60 -27.91 -0.07
N VAL A 234 -3.82 -27.39 -0.22
CA VAL A 234 -4.04 -25.96 -0.03
C VAL A 234 -3.66 -25.54 1.38
N LEU A 235 -4.08 -26.31 2.38
CA LEU A 235 -3.78 -25.97 3.76
C LEU A 235 -2.28 -25.97 4.02
N HIS A 236 -1.54 -26.84 3.33
CA HIS A 236 -0.10 -26.98 3.54
C HIS A 236 0.71 -26.28 2.45
N SER A 237 0.08 -25.42 1.65
CA SER A 237 0.73 -24.78 0.52
C SER A 237 0.59 -23.28 0.62
N LYS A 238 1.15 -22.58 -0.36
CA LYS A 238 1.07 -21.12 -0.44
C LYS A 238 -0.29 -20.63 -0.88
N HIS A 239 -1.22 -21.54 -1.18
CA HIS A 239 -2.56 -21.19 -1.64
C HIS A 239 -3.50 -20.87 -0.50
N LEU A 240 -2.98 -20.52 0.68
CA LEU A 240 -3.83 -20.23 1.81
C LEU A 240 -4.73 -19.03 1.60
N HIS A 241 -4.42 -18.17 0.62
CA HIS A 241 -5.25 -16.99 0.42
C HIS A 241 -6.66 -17.34 -0.06
N ILE A 242 -6.98 -18.62 -0.22
CA ILE A 242 -8.35 -19.00 -0.55
C ILE A 242 -9.30 -18.53 0.54
N GLY A 243 -8.96 -18.81 1.80
CA GLY A 243 -9.82 -18.47 2.92
C GLY A 243 -9.36 -17.24 3.68
N LEU A 244 -8.06 -16.95 3.63
CA LEU A 244 -7.54 -15.80 4.35
C LEU A 244 -7.77 -14.49 3.61
N ALA A 245 -7.75 -14.51 2.28
CA ALA A 245 -7.94 -13.27 1.53
C ALA A 245 -9.27 -12.59 1.86
N PRO A 246 -10.39 -13.28 1.96
CA PRO A 246 -11.62 -12.62 2.41
C PRO A 246 -11.51 -12.02 3.80
N ILE A 247 -10.65 -12.55 4.66
CA ILE A 247 -10.50 -12.05 6.02
C ILE A 247 -9.52 -10.89 6.07
N ASN A 248 -8.41 -10.98 5.34
CA ASN A 248 -7.44 -9.89 5.32
C ASN A 248 -8.04 -8.61 4.76
N VAL A 249 -9.07 -8.71 3.92
CA VAL A 249 -9.74 -7.51 3.42
C VAL A 249 -10.79 -7.01 4.40
N THR A 250 -11.31 -7.88 5.27
CA THR A 250 -12.24 -7.42 6.30
C THR A 250 -11.54 -6.50 7.30
N PHE A 251 -10.34 -6.88 7.74
CA PHE A 251 -9.59 -6.12 8.72
C PHE A 251 -8.59 -5.16 8.09
N LYS A 252 -8.83 -4.75 6.84
CA LYS A 252 -7.91 -3.86 6.17
C LYS A 252 -7.89 -2.49 6.84
N ARG A 253 -6.73 -1.86 6.81
CA ARG A 253 -6.64 -0.45 7.18
C ARG A 253 -7.50 0.38 6.24
N LEU A 254 -8.31 1.28 6.81
CA LEU A 254 -9.20 2.10 6.01
C LEU A 254 -8.71 3.54 5.96
N PRO A 255 -8.85 4.24 4.83
CA PRO A 255 -9.37 3.75 3.56
C PRO A 255 -8.40 2.82 2.83
N ASN A 256 -7.12 2.94 3.17
CA ASN A 256 -6.09 2.13 2.54
C ASN A 256 -4.85 2.15 3.45
N GLY A 257 -3.88 1.32 3.10
CA GLY A 257 -2.68 1.19 3.89
C GLY A 257 -1.68 2.30 3.74
N LEU A 258 -2.07 3.41 3.10
CA LEU A 258 -1.22 4.55 2.87
C LEU A 258 -1.67 5.72 3.75
N GLY A 259 -0.90 6.80 3.72
CA GLY A 259 -1.23 8.00 4.44
C GLY A 259 -0.44 8.13 5.73
N PRO A 260 -1.11 8.26 6.87
CA PRO A 260 -0.40 8.46 8.13
C PRO A 260 0.21 7.16 8.63
N LEU A 261 1.17 7.32 9.53
CA LEU A 261 1.87 6.20 10.15
C LEU A 261 1.25 5.95 11.53
N LEU A 262 0.88 4.71 11.79
CA LEU A 262 0.14 4.40 13.01
C LEU A 262 0.98 4.67 14.25
N PRO A 263 0.39 5.12 15.34
CA PRO A 263 1.14 5.24 16.60
C PRO A 263 1.58 3.88 17.10
N MET A 264 2.69 3.87 17.82
CA MET A 264 3.20 2.63 18.37
C MET A 264 2.33 2.18 19.55
N GLU A 265 2.18 0.86 19.67
CA GLU A 265 1.44 0.24 20.76
C GLU A 265 2.23 -0.96 21.25
N SER A 266 1.99 -1.33 22.50
CA SER A 266 2.65 -2.48 23.12
C SER A 266 1.60 -3.32 23.83
N ASN A 267 1.49 -4.59 23.42
CA ASN A 267 0.58 -5.55 24.03
C ASN A 267 -0.81 -4.93 24.25
N GLY A 268 -1.33 -4.31 23.21
CA GLY A 268 -2.69 -3.81 23.23
C GLY A 268 -2.88 -2.45 23.88
N GLU A 269 -1.80 -1.72 24.14
CA GLU A 269 -1.89 -0.40 24.76
C GLU A 269 -1.00 0.58 24.00
N TYR A 270 -1.52 1.78 23.77
CA TYR A 270 -0.71 2.83 23.16
C TYR A 270 0.42 3.23 24.09
N ILE A 271 1.60 3.44 23.53
CA ILE A 271 2.77 3.78 24.32
C ILE A 271 2.69 5.25 24.71
N ASP A 272 2.75 5.51 26.01
CA ASP A 272 2.80 6.88 26.53
C ASP A 272 4.26 7.30 26.53
N PHE A 273 4.63 8.19 25.60
CA PHE A 273 6.04 8.49 25.40
C PHE A 273 6.64 9.25 26.58
N GLU A 274 5.82 9.96 27.34
CA GLU A 274 6.31 10.62 28.55
C GLU A 274 6.44 9.67 29.73
N ASP A 275 5.86 8.47 29.64
CA ASP A 275 5.94 7.49 30.72
C ASP A 275 5.81 6.08 30.15
N PRO A 276 6.67 5.69 29.21
CA PRO A 276 6.58 4.33 28.67
C PRO A 276 6.84 3.28 29.73
N ALA A 277 6.13 2.16 29.63
CA ALA A 277 6.25 1.10 30.61
C ALA A 277 7.59 0.40 30.50
N GLU A 278 7.97 -0.30 31.58
CA GLU A 278 9.24 -1.03 31.58
C GLU A 278 9.24 -2.12 30.54
N ASP A 279 8.10 -2.77 30.30
CA ASP A 279 7.99 -3.83 29.33
C ASP A 279 7.59 -3.33 27.94
N ALA A 280 7.50 -2.02 27.75
CA ALA A 280 7.13 -1.47 26.46
C ALA A 280 8.14 -1.85 25.40
N VAL A 281 7.65 -2.28 24.24
CA VAL A 281 8.48 -2.68 23.12
C VAL A 281 8.30 -1.66 22.00
N PHE A 282 9.40 -1.07 21.54
CA PHE A 282 9.37 -0.10 20.45
C PHE A 282 9.70 -0.81 19.15
N GLY A 283 8.86 -0.61 18.14
CA GLY A 283 9.10 -1.28 16.88
C GLY A 283 8.81 -2.76 16.98
N LYS A 284 9.46 -3.54 16.11
CA LYS A 284 9.26 -4.98 16.04
C LYS A 284 10.59 -5.64 15.72
N GLY A 285 11.22 -6.20 16.76
CA GLY A 285 12.56 -6.75 16.62
C GLY A 285 12.61 -8.25 16.44
N LYS A 286 11.44 -8.90 16.55
CA LYS A 286 11.35 -10.34 16.34
C LYS A 286 9.97 -10.66 15.79
N ILE A 287 9.86 -11.84 15.17
CA ILE A 287 8.61 -12.19 14.51
C ILE A 287 7.46 -12.26 15.48
N GLU A 288 7.73 -12.48 16.76
CA GLU A 288 6.66 -12.52 17.76
C GLU A 288 6.08 -11.14 18.07
N ASP A 289 6.74 -10.06 17.66
CA ASP A 289 6.22 -8.73 17.91
C ASP A 289 5.13 -8.31 16.94
N PHE A 290 5.08 -8.90 15.75
CA PHE A 290 4.05 -8.54 14.79
C PHE A 290 2.68 -8.92 15.35
N THR A 291 1.69 -8.06 15.10
CA THR A 291 0.36 -8.29 15.63
C THR A 291 -0.33 -9.43 14.89
N TRP A 292 -1.44 -9.90 15.45
CA TRP A 292 -2.19 -10.97 14.80
C TRP A 292 -2.57 -10.58 13.38
N LYS A 293 -2.79 -9.30 13.14
CA LYS A 293 -3.05 -8.85 11.77
C LYS A 293 -1.80 -8.96 10.92
N GLY A 294 -0.63 -8.71 11.51
CA GLY A 294 0.61 -8.87 10.76
C GLY A 294 0.79 -10.28 10.24
N TYR A 295 0.52 -11.28 11.09
CA TYR A 295 0.62 -12.66 10.66
C TYR A 295 -0.36 -12.96 9.54
N LEU A 296 -1.57 -12.40 9.62
CA LEU A 296 -2.55 -12.62 8.57
C LEU A 296 -2.05 -12.09 7.24
N ASP A 297 -1.39 -10.93 7.24
CA ASP A 297 -0.82 -10.40 6.01
C ASP A 297 0.24 -11.34 5.43
N PHE A 298 1.09 -11.90 6.29
CA PHE A 298 2.17 -12.75 5.81
C PHE A 298 1.62 -13.97 5.09
N THR A 299 0.63 -14.64 5.68
CA THR A 299 0.11 -15.87 5.11
C THR A 299 -0.84 -15.62 3.94
N THR A 300 -1.38 -14.41 3.81
CA THR A 300 -2.30 -14.11 2.72
C THR A 300 -1.59 -13.72 1.43
N CYS A 301 -0.27 -13.55 1.47
CA CYS A 301 0.46 -13.19 0.26
C CYS A 301 0.23 -14.23 -0.83
N THR A 302 -0.12 -13.75 -2.03
CA THR A 302 -0.31 -14.62 -3.18
C THR A 302 0.95 -14.76 -4.02
N GLU A 303 2.02 -14.02 -3.69
CA GLU A 303 3.26 -14.05 -4.46
C GLU A 303 3.03 -13.66 -5.91
N CYS A 304 2.09 -12.74 -6.15
CA CYS A 304 1.81 -12.30 -7.51
C CYS A 304 2.87 -11.37 -8.07
N GLY A 305 3.61 -10.67 -7.22
CA GLY A 305 4.64 -9.77 -7.68
C GLY A 305 4.14 -8.45 -8.24
N ARG A 306 2.85 -8.14 -8.06
CA ARG A 306 2.34 -6.84 -8.50
C ARG A 306 3.05 -5.71 -7.76
N CYS A 307 3.26 -5.86 -6.46
CA CYS A 307 4.03 -4.87 -5.71
C CYS A 307 5.47 -4.80 -6.18
N GLN A 308 6.08 -5.97 -6.43
CA GLN A 308 7.49 -6.02 -6.79
C GLN A 308 7.74 -5.32 -8.12
N SER A 309 6.83 -5.48 -9.08
CA SER A 309 7.00 -4.85 -10.39
C SER A 309 6.91 -3.35 -10.34
N GLN A 310 6.47 -2.76 -9.24
CA GLN A 310 6.27 -1.32 -9.13
C GLN A 310 7.23 -0.67 -8.14
N CYS A 311 8.02 -1.45 -7.42
CA CYS A 311 8.92 -0.91 -6.41
C CYS A 311 10.03 -0.09 -7.05
N PRO A 312 10.21 1.18 -6.69
CA PRO A 312 11.39 1.91 -7.19
C PRO A 312 12.70 1.30 -6.77
N ALA A 313 12.77 0.73 -5.57
CA ALA A 313 14.03 0.16 -5.08
C ALA A 313 14.37 -1.12 -5.84
N TRP A 314 13.39 -2.00 -6.03
CA TRP A 314 13.66 -3.25 -6.75
C TRP A 314 14.11 -2.99 -8.18
N ASN A 315 13.44 -2.07 -8.87
CA ASN A 315 13.70 -1.88 -10.29
C ASN A 315 14.92 -1.02 -10.56
N THR A 316 15.56 -0.47 -9.53
CA THR A 316 16.80 0.28 -9.69
C THR A 316 18.01 -0.50 -9.18
N GLY A 317 17.86 -1.81 -8.98
CA GLY A 317 18.97 -2.65 -8.63
C GLY A 317 19.20 -2.87 -7.14
N LYS A 318 18.25 -2.51 -6.30
CA LYS A 318 18.47 -2.64 -4.87
C LYS A 318 17.79 -3.91 -4.34
N PRO A 319 18.28 -4.46 -3.21
CA PRO A 319 17.73 -5.74 -2.73
C PRO A 319 16.28 -5.67 -2.30
N LEU A 320 15.74 -4.48 -2.04
CA LEU A 320 14.41 -4.38 -1.49
C LEU A 320 13.38 -4.91 -2.47
N SER A 321 12.47 -5.74 -1.99
CA SER A 321 11.31 -6.17 -2.74
C SER A 321 10.14 -6.28 -1.79
N PRO A 322 9.03 -5.59 -2.04
CA PRO A 322 7.87 -5.76 -1.15
C PRO A 322 7.39 -7.19 -1.06
N LYS A 323 7.48 -7.96 -2.15
CA LYS A 323 7.11 -9.36 -2.11
C LYS A 323 8.05 -10.16 -1.23
N LEU A 324 9.36 -10.04 -1.47
CA LEU A 324 10.32 -10.86 -0.74
C LEU A 324 10.36 -10.52 0.74
N VAL A 325 10.08 -9.26 1.08
CA VAL A 325 9.97 -8.91 2.50
C VAL A 325 8.83 -9.68 3.15
N ILE A 326 7.68 -9.76 2.48
CA ILE A 326 6.57 -10.54 3.01
C ILE A 326 6.90 -12.02 3.01
N MET A 327 7.50 -12.52 1.92
CA MET A 327 7.83 -13.94 1.84
C MET A 327 8.85 -14.32 2.90
N ASN A 328 9.89 -13.51 3.08
CA ASN A 328 10.91 -13.81 4.08
C ASN A 328 10.32 -13.76 5.49
N LEU A 329 9.47 -12.77 5.76
CA LEU A 329 8.78 -12.72 7.04
C LEU A 329 7.83 -13.89 7.19
N ARG A 330 7.07 -14.20 6.13
CA ARG A 330 6.12 -15.30 6.20
C ARG A 330 6.83 -16.63 6.42
N ASP A 331 7.90 -16.88 5.66
CA ASP A 331 8.62 -18.13 5.82
C ASP A 331 9.30 -18.21 7.18
N HIS A 332 9.83 -17.10 7.67
CA HIS A 332 10.39 -17.07 9.01
C HIS A 332 9.32 -17.33 10.07
N MET A 333 8.12 -16.80 9.84
CA MET A 333 7.02 -17.02 10.77
C MET A 333 6.74 -18.52 10.92
N PHE A 334 6.65 -19.23 9.81
CA PHE A 334 6.37 -20.66 9.87
C PHE A 334 7.55 -21.43 10.43
N ALA A 335 8.78 -21.08 10.02
CA ALA A 335 9.95 -21.80 10.49
C ALA A 335 10.11 -21.66 12.00
N LYS A 336 9.84 -20.48 12.54
CA LYS A 336 9.90 -20.24 13.97
C LYS A 336 8.63 -20.67 14.70
N ALA A 337 7.65 -21.21 13.97
CA ALA A 337 6.35 -21.49 14.58
C ALA A 337 6.45 -22.37 15.83
N PRO A 338 7.22 -23.45 15.85
CA PRO A 338 7.27 -24.26 17.08
C PRO A 338 7.68 -23.48 18.30
N TYR A 339 8.60 -22.53 18.16
CA TYR A 339 9.01 -21.72 19.30
C TYR A 339 7.92 -20.71 19.66
N ILE A 340 7.24 -20.14 18.67
CA ILE A 340 6.16 -19.21 18.96
C ILE A 340 5.03 -19.92 19.69
N LEU A 341 4.68 -21.12 19.24
CA LEU A 341 3.56 -21.85 19.82
C LEU A 341 3.93 -22.59 21.09
N GLY A 342 5.21 -22.61 21.47
CA GLY A 342 5.63 -23.30 22.67
C GLY A 342 5.88 -24.78 22.51
N GLU A 343 5.86 -25.30 21.29
CA GLU A 343 6.11 -26.73 21.08
C GLU A 343 7.55 -27.10 21.40
N LYS A 344 8.48 -26.15 21.37
CA LYS A 344 9.87 -26.39 21.70
C LYS A 344 10.35 -25.32 22.68
N PRO A 345 11.11 -25.71 23.71
CA PRO A 345 11.64 -24.70 24.64
C PRO A 345 12.52 -23.68 23.93
N SER A 346 12.45 -22.45 24.39
CA SER A 346 13.24 -21.38 23.79
C SER A 346 14.73 -21.62 24.08
N PRO A 347 15.61 -21.57 23.07
CA PRO A 347 17.04 -21.75 23.33
C PRO A 347 17.60 -20.76 24.35
N VAL A 374 16.79 -17.40 -4.26
CA VAL A 374 17.38 -16.24 -4.91
C VAL A 374 18.26 -15.48 -3.91
N PRO A 375 19.33 -14.86 -4.40
CA PRO A 375 20.26 -14.19 -3.47
C PRO A 375 19.62 -13.09 -2.65
N GLU A 376 18.63 -12.38 -3.20
CA GLU A 376 18.00 -11.28 -2.48
C GLU A 376 16.98 -11.75 -1.45
N SER A 377 16.68 -13.04 -1.40
CA SER A 377 15.78 -13.59 -0.38
C SER A 377 16.61 -13.94 0.84
N GLY A 378 16.36 -13.26 1.96
CA GLY A 378 17.19 -13.38 3.12
C GLY A 378 16.85 -14.53 4.06
N PHE A 379 15.60 -15.02 3.98
CA PHE A 379 15.20 -16.10 4.87
C PHE A 379 16.05 -17.35 4.64
N GLU A 380 16.29 -17.68 3.36
CA GLU A 380 16.94 -18.94 3.01
C GLU A 380 18.38 -19.01 3.45
N ARG A 381 18.93 -17.95 4.06
CA ARG A 381 20.28 -18.01 4.60
C ARG A 381 20.37 -19.05 5.71
N ILE A 382 19.37 -19.09 6.59
CA ILE A 382 19.26 -20.10 7.63
C ILE A 382 17.93 -20.81 7.43
N LEU A 383 17.97 -22.14 7.34
CA LEU A 383 16.81 -22.95 7.03
C LEU A 383 16.49 -23.87 8.20
N GLY A 384 15.37 -24.57 8.07
CA GLY A 384 14.94 -25.48 9.12
C GLY A 384 14.29 -24.74 10.26
N SER A 385 13.88 -25.50 11.27
CA SER A 385 13.29 -24.96 12.48
C SER A 385 14.12 -25.30 13.71
N GLY A 386 15.42 -25.50 13.53
CA GLY A 386 16.29 -25.80 14.63
C GLY A 386 16.54 -24.58 15.48
N PRO A 387 17.42 -24.72 16.49
CA PRO A 387 17.68 -23.59 17.39
C PRO A 387 18.21 -22.37 16.66
N GLU A 388 18.91 -22.57 15.54
CA GLU A 388 19.44 -21.43 14.80
C GLU A 388 18.32 -20.53 14.27
N GLN A 389 17.20 -21.13 13.86
CA GLN A 389 16.06 -20.34 13.42
C GLN A 389 15.52 -19.47 14.54
N ALA A 390 15.55 -19.98 15.78
CA ALA A 390 15.00 -19.23 16.90
C ALA A 390 15.88 -18.04 17.28
N LEU A 391 17.17 -18.09 16.98
CA LEU A 391 18.10 -17.05 17.42
C LEU A 391 18.44 -16.03 16.33
N ARG A 392 17.82 -16.12 15.17
CA ARG A 392 18.16 -15.19 14.10
C ARG A 392 17.62 -13.80 14.42
N PRO A 393 18.35 -12.74 14.09
CA PRO A 393 17.74 -11.41 14.11
C PRO A 393 16.72 -11.27 12.99
N LEU A 394 15.64 -10.53 13.29
CA LEU A 394 14.69 -10.23 12.24
C LEU A 394 15.31 -9.36 11.15
N VAL A 395 16.12 -8.39 11.56
CA VAL A 395 16.87 -7.54 10.63
C VAL A 395 18.34 -7.73 10.94
N GLY A 396 19.09 -8.24 9.96
CA GLY A 396 20.51 -8.45 10.15
C GLY A 396 21.23 -8.83 8.88
N THR A 397 22.51 -8.51 8.80
CA THR A 397 23.30 -8.80 7.61
C THR A 397 23.46 -10.31 7.45
N GLU A 398 24.13 -10.72 6.37
CA GLU A 398 24.29 -12.14 6.10
C GLU A 398 25.11 -12.81 7.19
N GLU A 399 26.20 -12.19 7.63
CA GLU A 399 27.02 -12.78 8.68
C GLU A 399 26.26 -12.94 9.98
N GLN A 400 25.25 -12.10 10.21
CA GLN A 400 24.37 -12.25 11.37
C GLN A 400 23.23 -13.23 11.11
N GLY A 401 23.03 -13.65 9.86
CA GLY A 401 21.94 -14.55 9.55
C GLY A 401 20.58 -13.91 9.53
N GLY A 402 20.50 -12.59 9.55
CA GLY A 402 19.22 -11.93 9.70
C GLY A 402 18.29 -12.23 8.55
N VAL A 403 16.98 -12.23 8.85
CA VAL A 403 15.98 -12.47 7.82
C VAL A 403 15.98 -11.32 6.81
N ILE A 404 16.00 -10.08 7.30
CA ILE A 404 15.91 -8.89 6.46
C ILE A 404 17.25 -8.19 6.51
N ASP A 405 17.91 -8.07 5.37
CA ASP A 405 19.18 -7.38 5.32
C ASP A 405 18.95 -5.90 5.60
N PRO A 406 19.91 -5.23 6.25
CA PRO A 406 19.71 -3.79 6.50
C PRO A 406 19.52 -2.97 5.24
N ASP A 407 20.18 -3.34 4.14
CA ASP A 407 19.98 -2.63 2.88
C ASP A 407 18.56 -2.79 2.37
N VAL A 408 17.93 -3.93 2.64
CA VAL A 408 16.52 -4.10 2.29
C VAL A 408 15.66 -3.14 3.10
N LEU A 409 15.90 -3.08 4.42
CA LEU A 409 15.06 -2.27 5.29
C LEU A 409 15.20 -0.79 4.97
N TRP A 410 16.43 -0.32 4.78
CA TRP A 410 16.70 1.10 4.59
C TRP A 410 16.65 1.52 3.14
N SER A 411 16.31 0.62 2.22
CA SER A 411 16.15 0.97 0.82
C SER A 411 14.74 1.43 0.48
N CYS A 412 13.80 1.33 1.40
CA CYS A 412 12.43 1.74 1.14
C CYS A 412 12.31 3.26 1.12
N THR A 413 11.53 3.77 0.18
CA THR A 413 11.27 5.20 0.06
C THR A 413 9.86 5.57 0.50
N ASN A 414 9.08 4.62 1.01
CA ASN A 414 7.70 4.87 1.40
C ASN A 414 6.92 5.55 0.28
N CYS A 415 7.13 5.07 -0.94
CA CYS A 415 6.35 5.61 -2.06
C CYS A 415 4.91 5.12 -2.03
N GLY A 416 4.69 3.89 -1.60
CA GLY A 416 3.36 3.31 -1.55
C GLY A 416 2.95 2.51 -2.75
N ALA A 417 3.86 2.26 -3.70
CA ALA A 417 3.51 1.49 -4.88
C ALA A 417 3.11 0.07 -4.51
N CYS A 418 3.74 -0.50 -3.48
CA CYS A 418 3.40 -1.85 -3.05
C CYS A 418 2.00 -1.91 -2.48
N VAL A 419 1.68 -1.00 -1.56
CA VAL A 419 0.37 -1.01 -0.92
C VAL A 419 -0.72 -0.69 -1.93
N GLU A 420 -0.48 0.29 -2.80
CA GLU A 420 -1.45 0.63 -3.83
C GLU A 420 -1.76 -0.54 -4.74
N GLN A 421 -0.85 -1.52 -4.83
CA GLN A 421 -0.97 -2.59 -5.81
C GLN A 421 -1.44 -3.90 -5.23
N CYS A 422 -1.30 -4.11 -3.93
CA CYS A 422 -1.62 -5.40 -3.33
C CYS A 422 -3.11 -5.70 -3.47
N PRO A 423 -3.50 -6.78 -4.13
CA PRO A 423 -4.93 -7.15 -4.15
C PRO A 423 -5.48 -7.55 -2.79
N VAL A 424 -4.62 -7.93 -1.84
CA VAL A 424 -5.04 -8.48 -0.57
C VAL A 424 -4.73 -7.54 0.60
N ASP A 425 -4.28 -6.32 0.32
CA ASP A 425 -4.17 -5.26 1.34
C ASP A 425 -3.23 -5.70 2.47
N ILE A 426 -1.95 -5.83 2.13
CA ILE A 426 -0.96 -6.32 3.08
C ILE A 426 -0.23 -5.21 3.85
N GLU A 427 -0.26 -3.97 3.35
CA GLU A 427 0.30 -2.83 4.10
C GLU A 427 1.78 -3.05 4.40
N HIS A 428 2.57 -3.06 3.31
CA HIS A 428 4.00 -3.32 3.45
C HIS A 428 4.69 -2.23 4.26
N ILE A 429 4.33 -0.97 4.04
CA ILE A 429 5.06 0.13 4.68
C ILE A 429 4.97 0.03 6.19
N ASP A 430 3.83 -0.40 6.71
CA ASP A 430 3.69 -0.51 8.16
C ASP A 430 4.71 -1.46 8.75
N HIS A 431 4.93 -2.61 8.10
CA HIS A 431 5.91 -3.56 8.60
C HIS A 431 7.33 -3.04 8.42
N ILE A 432 7.60 -2.36 7.31
CA ILE A 432 8.95 -1.88 7.05
C ILE A 432 9.36 -0.84 8.08
N VAL A 433 8.49 0.15 8.33
CA VAL A 433 8.84 1.19 9.28
C VAL A 433 8.69 0.74 10.73
N ASP A 434 7.90 -0.31 10.99
CA ASP A 434 7.87 -0.86 12.34
C ASP A 434 9.17 -1.58 12.67
N MET A 435 9.84 -2.13 11.67
CA MET A 435 11.17 -2.70 11.89
C MET A 435 12.23 -1.61 11.99
N ARG A 436 12.06 -0.51 11.26
CA ARG A 436 12.96 0.62 11.42
C ARG A 436 12.89 1.18 12.84
N ARG A 437 11.68 1.26 13.39
CA ARG A 437 11.51 1.80 14.74
C ARG A 437 12.35 1.02 15.74
N TYR A 438 12.45 -0.30 15.57
CA TYR A 438 13.28 -1.08 16.48
C TYR A 438 14.75 -0.73 16.32
N GLN A 439 15.23 -0.65 15.07
CA GLN A 439 16.64 -0.34 14.86
C GLN A 439 17.02 1.00 15.47
N VAL A 440 16.26 2.05 15.13
CA VAL A 440 16.62 3.39 15.57
C VAL A 440 16.39 3.56 17.06
N MET A 441 15.28 3.05 17.58
CA MET A 441 14.86 3.37 18.93
C MET A 441 15.35 2.38 19.98
N VAL A 442 15.63 1.13 19.59
CA VAL A 442 16.08 0.12 20.55
C VAL A 442 17.48 -0.36 20.19
N GLU A 443 17.64 -0.92 19.00
CA GLU A 443 18.93 -1.46 18.60
C GLU A 443 19.97 -0.38 18.39
N SER A 444 19.56 0.85 18.10
CA SER A 444 20.47 1.98 17.90
C SER A 444 21.39 1.74 16.70
N GLU A 445 20.90 1.02 15.69
CA GLU A 445 21.64 0.78 14.46
C GLU A 445 20.89 1.42 13.30
N PHE A 446 21.56 2.31 12.58
CA PHE A 446 20.99 2.93 11.39
C PHE A 446 22.12 3.51 10.56
N PRO A 447 21.87 3.83 9.29
CA PRO A 447 22.92 4.41 8.46
C PRO A 447 23.49 5.68 9.09
N GLY A 448 24.80 5.85 8.95
CA GLY A 448 25.47 6.99 9.56
C GLY A 448 24.94 8.33 9.09
N GLU A 449 24.29 8.37 7.93
CA GLU A 449 23.76 9.64 7.43
C GLU A 449 22.52 10.08 8.18
N LEU A 450 21.82 9.15 8.84
CA LEU A 450 20.71 9.53 9.70
C LEU A 450 21.18 10.08 11.03
N GLY A 451 22.36 9.69 11.50
CA GLY A 451 22.89 10.25 12.73
C GLY A 451 23.04 11.75 12.64
N VAL A 452 23.45 12.25 11.48
CA VAL A 452 23.52 13.69 11.27
C VAL A 452 22.12 14.29 11.23
N LEU A 453 21.17 13.57 10.63
CA LEU A 453 19.79 14.06 10.56
C LEU A 453 19.21 14.23 11.96
N PHE A 454 19.41 13.24 12.83
CA PHE A 454 18.81 13.31 14.16
C PHE A 454 19.48 14.37 15.02
N LYS A 455 20.80 14.54 14.90
CA LYS A 455 21.47 15.59 15.65
C LYS A 455 21.08 16.98 15.14
N ASN A 456 20.95 17.13 13.82
CA ASN A 456 20.55 18.41 13.26
C ASN A 456 19.13 18.77 13.65
N LEU A 457 18.21 17.80 13.60
CA LEU A 457 16.82 18.06 13.96
C LEU A 457 16.69 18.39 15.44
N GLU A 458 17.36 17.63 16.30
CA GLU A 458 17.15 17.76 17.74
C GLU A 458 17.91 18.92 18.36
N THR A 459 18.80 19.58 17.62
CA THR A 459 19.52 20.75 18.11
C THR A 459 19.12 22.03 17.40
N LYS A 460 18.90 22.00 16.09
CA LYS A 460 18.56 23.18 15.32
C LYS A 460 17.13 23.20 14.84
N GLY A 461 16.41 22.08 14.91
CA GLY A 461 15.03 22.02 14.48
C GLY A 461 14.83 21.83 12.99
N ASN A 462 15.88 21.67 12.21
CA ASN A 462 15.80 21.41 10.78
C ASN A 462 16.83 20.37 10.40
N PRO A 463 16.57 19.57 9.37
CA PRO A 463 17.50 18.51 9.00
C PRO A 463 18.84 19.02 8.49
N TRP A 464 18.91 20.26 8.02
CA TRP A 464 20.18 20.80 7.52
C TRP A 464 21.08 21.32 8.63
N GLY A 465 20.56 21.51 9.83
CA GLY A 465 21.39 22.00 10.93
C GLY A 465 21.68 23.49 10.87
N GLN A 466 20.91 24.26 10.12
CA GLN A 466 21.13 25.69 10.03
C GLN A 466 20.42 26.41 11.16
N ASN A 467 20.80 27.67 11.36
CA ASN A 467 20.29 28.44 12.49
C ASN A 467 18.78 28.66 12.35
N ALA A 468 18.09 28.58 13.48
CA ALA A 468 16.65 28.84 13.47
C ALA A 468 16.34 30.29 13.15
N LYS A 469 17.22 31.22 13.51
CA LYS A 469 16.98 32.63 13.23
C LYS A 469 16.91 32.92 11.74
N ASP A 470 17.52 32.09 10.91
CA ASP A 470 17.51 32.29 9.46
C ASP A 470 16.24 31.77 8.81
N ARG A 471 15.30 31.24 9.59
CA ARG A 471 14.10 30.66 8.99
C ARG A 471 13.29 31.72 8.25
N THR A 472 13.16 32.91 8.83
CA THR A 472 12.39 33.99 8.23
C THR A 472 13.20 34.81 7.23
N ASN A 473 14.34 34.30 6.77
CA ASN A 473 15.12 35.03 5.77
C ASN A 473 14.34 35.19 4.48
N TRP A 474 13.60 34.15 4.08
CA TRP A 474 12.88 34.22 2.80
C TRP A 474 11.86 35.35 2.81
N ILE A 475 11.38 35.77 3.97
CA ILE A 475 10.48 36.91 4.03
C ILE A 475 11.21 38.20 3.69
N ASP A 476 12.47 38.32 4.14
CA ASP A 476 13.25 39.52 3.86
C ASP A 476 13.62 39.65 2.38
N GLU A 477 13.54 38.57 1.62
CA GLU A 477 13.96 38.56 0.22
C GLU A 477 12.83 38.86 -0.75
N VAL A 478 11.62 39.10 -0.26
CA VAL A 478 10.48 39.45 -1.11
C VAL A 478 10.09 40.90 -0.84
N ASP A 479 9.39 41.49 -1.80
CA ASP A 479 9.05 42.91 -1.77
C ASP A 479 7.58 43.15 -1.42
N PHE A 480 6.89 42.17 -0.84
CA PHE A 480 5.50 42.32 -0.44
C PHE A 480 5.35 41.85 1.00
N ASP A 481 4.27 42.31 1.64
CA ASP A 481 4.06 42.06 3.05
C ASP A 481 3.68 40.61 3.30
N VAL A 482 4.43 39.95 4.17
CA VAL A 482 4.12 38.59 4.63
C VAL A 482 4.06 38.61 6.15
N PRO A 483 2.89 38.83 6.74
CA PRO A 483 2.84 39.00 8.20
C PRO A 483 3.30 37.74 8.93
N VAL A 484 4.01 37.95 10.03
CA VAL A 484 4.60 36.87 10.82
C VAL A 484 3.97 36.91 12.19
N TYR A 485 3.31 35.82 12.58
CA TYR A 485 2.66 35.77 13.88
C TYR A 485 3.67 36.00 15.00
N GLY A 486 3.28 36.81 15.97
CA GLY A 486 4.14 37.10 17.10
C GLY A 486 5.13 38.22 16.83
N GLU A 487 5.58 38.32 15.58
CA GLU A 487 6.56 39.34 15.23
C GLU A 487 5.89 40.69 14.97
N ASP A 488 4.86 40.71 14.12
CA ASP A 488 4.11 41.93 13.84
C ASP A 488 2.64 41.80 14.17
N VAL A 489 1.98 40.72 13.76
CA VAL A 489 0.57 40.50 14.06
C VAL A 489 0.45 39.65 15.31
N ASP A 490 -0.46 40.04 16.20
CA ASP A 490 -0.57 39.41 17.51
C ASP A 490 -1.60 38.28 17.56
N SER A 491 -2.48 38.16 16.56
CA SER A 491 -3.54 37.16 16.61
C SER A 491 -3.90 36.75 15.19
N PHE A 492 -4.73 35.72 15.10
CA PHE A 492 -5.20 35.18 13.83
C PHE A 492 -6.46 35.86 13.33
N ASP A 493 -6.98 36.84 14.06
CA ASP A 493 -8.20 37.53 13.61
C ASP A 493 -7.93 38.30 12.33
N GLY A 494 -8.88 38.22 11.40
CA GLY A 494 -8.75 38.89 10.12
C GLY A 494 -7.96 38.13 9.08
N PHE A 495 -7.48 36.94 9.39
CA PHE A 495 -6.72 36.11 8.46
C PHE A 495 -7.48 34.82 8.18
N GLU A 496 -7.19 34.22 7.03
CA GLU A 496 -7.90 33.04 6.55
C GLU A 496 -7.05 31.79 6.63
N TYR A 497 -5.81 31.83 6.15
CA TYR A 497 -4.93 30.67 6.05
C TYR A 497 -3.64 30.90 6.82
N LEU A 498 -3.20 29.88 7.53
CA LEU A 498 -1.84 29.83 8.07
C LEU A 498 -0.94 29.21 7.01
N PHE A 499 -0.04 30.01 6.46
CA PHE A 499 0.89 29.51 5.45
C PHE A 499 2.05 28.84 6.17
N TRP A 500 2.16 27.53 6.04
CA TRP A 500 3.20 26.76 6.71
C TRP A 500 4.24 26.39 5.67
N VAL A 501 5.48 26.83 5.88
CA VAL A 501 6.52 26.70 4.88
C VAL A 501 7.30 25.41 5.03
N GLY A 502 7.76 25.11 6.24
CA GLY A 502 8.62 23.96 6.48
C GLY A 502 10.09 24.29 6.30
N CYS A 503 10.93 23.35 6.72
CA CYS A 503 12.37 23.56 6.62
C CYS A 503 12.81 23.66 5.17
N ALA A 504 12.27 22.82 4.29
CA ALA A 504 12.68 22.84 2.90
C ALA A 504 12.39 24.17 2.24
N GLY A 505 11.21 24.73 2.50
CA GLY A 505 10.82 25.99 1.89
C GLY A 505 11.51 27.20 2.46
N ALA A 506 12.24 27.04 3.57
CA ALA A 506 12.93 28.15 4.23
C ALA A 506 14.44 28.08 4.11
N TYR A 507 15.01 26.88 4.02
CA TYR A 507 16.46 26.71 4.03
C TYR A 507 17.04 26.22 2.71
N GLU A 508 16.25 25.56 1.87
CA GLU A 508 16.75 24.99 0.64
C GLU A 508 16.61 26.02 -0.48
N ASP A 509 17.68 26.22 -1.24
CA ASP A 509 17.72 27.33 -2.19
C ASP A 509 16.65 27.18 -3.26
N ARG A 510 16.50 25.98 -3.82
CA ARG A 510 15.52 25.77 -4.88
C ARG A 510 14.10 25.74 -4.33
N ALA A 511 13.90 25.08 -3.19
CA ALA A 511 12.57 25.04 -2.60
C ALA A 511 12.13 26.41 -2.12
N LYS A 512 13.07 27.20 -1.59
CA LYS A 512 12.73 28.56 -1.17
C LYS A 512 12.17 29.37 -2.32
N LYS A 513 12.54 29.04 -3.56
CA LYS A 513 12.01 29.74 -4.71
C LYS A 513 10.50 29.52 -4.83
N THR A 514 10.04 28.29 -4.59
CA THR A 514 8.60 28.02 -4.66
C THR A 514 7.84 28.75 -3.57
N THR A 515 8.41 28.84 -2.36
CA THR A 515 7.72 29.50 -1.26
C THR A 515 7.41 30.96 -1.62
N LYS A 516 8.38 31.66 -2.20
CA LYS A 516 8.13 33.04 -2.61
C LYS A 516 7.04 33.10 -3.67
N ALA A 517 7.06 32.17 -4.62
CA ALA A 517 6.04 32.15 -5.66
C ALA A 517 4.65 31.92 -5.08
N VAL A 518 4.54 30.98 -4.14
CA VAL A 518 3.23 30.72 -3.53
C VAL A 518 2.76 31.92 -2.74
N ALA A 519 3.66 32.55 -1.97
CA ALA A 519 3.28 33.74 -1.22
C ALA A 519 2.84 34.86 -2.15
N GLU A 520 3.54 35.04 -3.26
CA GLU A 520 3.15 36.07 -4.23
C GLU A 520 1.79 35.76 -4.83
N LEU A 521 1.53 34.49 -5.15
CA LEU A 521 0.25 34.14 -5.74
C LEU A 521 -0.90 34.42 -4.79
N LEU A 522 -0.72 34.06 -3.51
CA LEU A 522 -1.78 34.31 -2.53
C LEU A 522 -2.04 35.80 -2.38
N ALA A 523 -0.98 36.61 -2.30
CA ALA A 523 -1.16 38.05 -2.16
C ALA A 523 -1.87 38.63 -3.37
N THR A 524 -1.53 38.15 -4.57
CA THR A 524 -2.25 38.57 -5.77
C THR A 524 -3.72 38.18 -5.70
N ALA A 525 -3.99 36.96 -5.23
CA ALA A 525 -5.37 36.50 -5.11
C ALA A 525 -6.12 37.15 -3.96
N GLY A 526 -5.43 37.92 -3.12
CA GLY A 526 -6.07 38.60 -2.01
C GLY A 526 -6.33 37.75 -0.80
N VAL A 527 -5.74 36.56 -0.71
CA VAL A 527 -5.94 35.69 0.43
C VAL A 527 -5.16 36.22 1.62
N LYS A 528 -5.85 36.47 2.72
CA LYS A 528 -5.20 36.96 3.94
C LYS A 528 -4.58 35.79 4.68
N PHE A 529 -3.26 35.83 4.83
CA PHE A 529 -2.50 34.72 5.41
C PHE A 529 -1.36 35.27 6.26
N LEU A 530 -0.83 34.41 7.11
CA LEU A 530 0.34 34.74 7.91
C LEU A 530 1.20 33.50 8.08
N VAL A 531 2.44 33.71 8.49
CA VAL A 531 3.41 32.64 8.69
C VAL A 531 3.86 32.68 10.15
N LEU A 532 4.02 31.49 10.74
CA LEU A 532 4.54 31.43 12.11
C LEU A 532 5.96 31.95 12.20
N GLY A 533 6.72 31.90 11.10
CA GLY A 533 8.07 32.45 11.12
C GLY A 533 9.02 31.54 11.87
N THR A 534 9.79 32.14 12.78
CA THR A 534 10.79 31.39 13.53
C THR A 534 10.18 30.46 14.57
N GLY A 535 8.88 30.56 14.82
CA GLY A 535 8.23 29.65 15.75
C GLY A 535 8.00 28.26 15.20
N GLU A 536 8.23 28.06 13.91
CA GLU A 536 8.10 26.75 13.30
C GLU A 536 9.26 25.85 13.70
N THR A 537 9.04 24.55 13.55
CA THR A 537 10.10 23.56 13.65
C THR A 537 9.76 22.41 12.73
N CYS A 538 10.73 21.53 12.51
CA CYS A 538 10.51 20.41 11.60
C CYS A 538 9.29 19.61 12.02
N THR A 539 8.46 19.25 11.03
CA THR A 539 7.29 18.44 11.33
C THR A 539 7.70 17.06 11.83
N GLY A 540 8.79 16.50 11.30
CA GLY A 540 9.24 15.18 11.68
C GLY A 540 8.87 14.06 10.73
N ASP A 541 8.39 14.38 9.52
CA ASP A 541 8.04 13.33 8.58
C ASP A 541 9.25 12.46 8.25
N SER A 542 10.41 13.10 8.04
CA SER A 542 11.63 12.34 7.87
C SER A 542 12.05 11.66 9.17
N ALA A 543 11.81 12.32 10.30
CA ALA A 543 12.16 11.74 11.59
C ALA A 543 11.30 10.52 11.92
N ARG A 544 10.00 10.60 11.63
CA ARG A 544 9.12 9.46 11.92
C ARG A 544 9.38 8.31 10.97
N ARG A 545 9.53 8.60 9.68
CA ARG A 545 9.66 7.54 8.69
C ARG A 545 11.09 7.00 8.59
N SER A 546 12.05 7.62 9.27
CA SER A 546 13.34 7.01 9.49
C SER A 546 13.34 6.07 10.68
N GLY A 547 12.23 6.00 11.42
CA GLY A 547 12.11 5.13 12.55
C GLY A 547 12.27 5.79 13.90
N ASN A 548 12.58 7.09 13.94
CA ASN A 548 12.84 7.78 15.20
C ASN A 548 11.58 8.51 15.62
N GLU A 549 10.70 7.81 16.32
CA GLU A 549 9.48 8.44 16.81
C GLU A 549 9.66 9.14 18.14
N PHE A 550 10.77 8.93 18.84
CA PHE A 550 11.10 9.83 19.94
C PHE A 550 11.28 11.25 19.42
N LEU A 551 11.98 11.40 18.29
CA LEU A 551 12.20 12.71 17.72
C LEU A 551 10.93 13.29 17.13
N PHE A 552 10.12 12.47 16.45
CA PHE A 552 8.89 12.97 15.85
C PHE A 552 7.94 13.49 16.91
N GLN A 553 7.76 12.73 18.00
CA GLN A 553 6.89 13.18 19.08
C GLN A 553 7.44 14.43 19.75
N GLN A 554 8.76 14.57 19.79
CA GLN A 554 9.37 15.77 20.34
C GLN A 554 9.16 16.97 19.42
N LEU A 555 9.17 16.75 18.11
CA LEU A 555 8.97 17.84 17.16
C LEU A 555 7.49 18.10 16.91
N ALA A 556 6.69 17.04 16.75
CA ALA A 556 5.27 17.22 16.52
C ALA A 556 4.60 17.90 17.71
N ALA A 557 4.96 17.53 18.93
CA ALA A 557 4.36 18.14 20.11
C ALA A 557 4.64 19.64 20.16
N GLN A 558 5.81 20.06 19.70
CA GLN A 558 6.12 21.49 19.68
C GLN A 558 5.30 22.21 18.62
N ASN A 559 5.06 21.56 17.48
CA ASN A 559 4.28 22.20 16.43
C ASN A 559 2.81 22.24 16.77
N VAL A 560 2.27 21.16 17.34
CA VAL A 560 0.87 21.13 17.73
C VAL A 560 0.59 22.19 18.78
N GLU A 561 1.48 22.30 19.78
CA GLU A 561 1.32 23.33 20.79
C GLU A 561 1.48 24.73 20.20
N THR A 562 2.47 24.91 19.31
CA THR A 562 2.72 26.23 18.74
C THR A 562 1.54 26.69 17.89
N ILE A 563 1.02 25.81 17.03
CA ILE A 563 -0.10 26.18 16.18
C ILE A 563 -1.36 26.36 17.02
N ASN A 564 -1.57 25.50 18.02
CA ASN A 564 -2.78 25.56 18.81
C ASN A 564 -2.96 26.94 19.44
N GLU A 565 -1.86 27.56 19.88
CA GLU A 565 -1.96 28.90 20.44
C GLU A 565 -2.44 29.90 19.39
N LEU A 566 -1.98 29.74 18.15
CA LEU A 566 -2.41 30.65 17.09
C LEU A 566 -3.91 30.58 16.88
N PHE A 567 -4.48 29.37 16.87
CA PHE A 567 -5.88 29.16 16.57
C PHE A 567 -6.77 29.23 17.80
N GLU A 568 -6.31 29.86 18.88
CA GLU A 568 -7.17 30.01 20.05
C GLU A 568 -8.36 30.88 19.70
N GLY A 569 -9.55 30.38 20.01
CA GLY A 569 -10.77 31.09 19.68
C GLY A 569 -11.20 30.96 18.23
N VAL A 570 -10.53 30.13 17.44
CA VAL A 570 -10.85 29.94 16.04
C VAL A 570 -11.62 28.64 15.90
N GLU A 571 -12.79 28.70 15.26
CA GLU A 571 -13.62 27.52 15.10
C GLU A 571 -12.91 26.47 14.25
N THR A 572 -13.26 25.20 14.48
CA THR A 572 -12.56 24.10 13.82
C THR A 572 -12.58 24.26 12.31
N VAL A 573 -13.65 24.82 11.76
CA VAL A 573 -13.75 24.98 10.31
C VAL A 573 -12.74 26.00 9.83
N ASP A 574 -12.52 27.07 10.60
CA ASP A 574 -11.62 28.15 10.19
C ASP A 574 -10.17 27.86 10.49
N ARG A 575 -9.84 26.71 11.08
CA ARG A 575 -8.46 26.33 11.37
C ARG A 575 -7.82 25.79 10.09
N LYS A 576 -7.63 26.70 9.14
CA LYS A 576 -7.12 26.36 7.82
C LYS A 576 -5.60 26.53 7.77
N ILE A 577 -4.94 25.63 7.05
CA ILE A 577 -3.50 25.68 6.84
C ILE A 577 -3.22 25.37 5.38
N VAL A 578 -2.23 26.04 4.81
CA VAL A 578 -1.80 25.81 3.43
C VAL A 578 -0.32 25.47 3.46
N VAL A 579 0.05 24.39 2.77
CA VAL A 579 1.41 23.87 2.79
C VAL A 579 1.89 23.67 1.36
N THR A 580 3.20 23.74 1.17
CA THR A 580 3.81 23.53 -0.13
C THR A 580 4.52 22.18 -0.26
N CYS A 581 4.50 21.36 0.78
CA CYS A 581 5.12 20.05 0.76
C CYS A 581 4.07 18.97 0.97
N PRO A 582 4.06 17.90 0.16
CA PRO A 582 3.17 16.77 0.47
C PRO A 582 3.45 16.13 1.80
N HIS A 583 4.69 16.23 2.30
CA HIS A 583 5.01 15.63 3.60
C HIS A 583 4.37 16.42 4.74
N CYS A 584 4.41 17.75 4.67
CA CYS A 584 3.65 18.56 5.62
C CYS A 584 2.16 18.33 5.46
N PHE A 585 1.70 18.27 4.21
CA PHE A 585 0.30 17.96 3.96
C PHE A 585 -0.08 16.62 4.59
N ASN A 586 0.82 15.64 4.51
CA ASN A 586 0.54 14.33 5.07
C ASN A 586 0.74 14.31 6.59
N THR A 587 1.71 15.06 7.10
CA THR A 587 2.00 15.04 8.53
C THR A 587 1.09 15.99 9.31
N ILE A 588 1.05 17.26 8.90
CA ILE A 588 0.23 18.23 9.63
C ILE A 588 -1.23 17.80 9.61
N GLY A 589 -1.68 17.22 8.50
CA GLY A 589 -3.07 16.90 8.33
C GLY A 589 -3.50 15.55 8.89
N ARG A 590 -2.70 14.51 8.66
CA ARG A 590 -3.07 13.16 9.01
C ARG A 590 -2.37 12.59 10.23
N GLU A 591 -1.17 13.07 10.57
CA GLU A 591 -0.40 12.49 11.66
C GLU A 591 -0.44 13.31 12.94
N TYR A 592 -0.67 14.62 12.86
CA TYR A 592 -0.83 15.42 14.07
C TYR A 592 -2.17 15.17 14.76
N PRO A 593 -3.24 14.84 14.03
CA PRO A 593 -4.49 14.48 14.72
C PRO A 593 -4.32 13.35 15.72
N GLN A 594 -3.33 12.49 15.51
CA GLN A 594 -3.01 11.49 16.53
C GLN A 594 -2.51 12.13 17.81
N LEU A 595 -2.09 13.39 17.77
CA LEU A 595 -1.64 14.12 18.94
C LEU A 595 -2.67 15.12 19.45
N GLY A 596 -3.89 15.10 18.92
CA GLY A 596 -4.93 16.00 19.35
C GLY A 596 -5.19 17.18 18.45
N ALA A 597 -4.61 17.21 17.25
CA ALA A 597 -4.85 18.30 16.33
C ALA A 597 -6.15 18.09 15.55
N ASN A 598 -6.73 19.19 15.10
CA ASN A 598 -7.94 19.18 14.28
C ASN A 598 -7.82 20.22 13.17
N TYR A 599 -6.70 20.19 12.46
CA TYR A 599 -6.34 21.22 11.50
C TYR A 599 -6.81 20.83 10.11
N SER A 600 -7.27 21.82 9.34
CA SER A 600 -7.72 21.60 7.97
C SER A 600 -6.62 22.08 7.02
N VAL A 601 -5.64 21.21 6.78
CA VAL A 601 -4.47 21.55 5.98
C VAL A 601 -4.74 21.14 4.54
N VAL A 602 -4.36 22.01 3.60
CA VAL A 602 -4.54 21.78 2.17
C VAL A 602 -3.24 22.13 1.45
N HIS A 603 -2.86 21.28 0.50
CA HIS A 603 -1.67 21.54 -0.29
C HIS A 603 -1.90 22.75 -1.18
N HIS A 604 -0.82 23.46 -1.51
CA HIS A 604 -0.98 24.73 -2.21
C HIS A 604 -1.63 24.53 -3.58
N THR A 605 -1.50 23.34 -4.16
CA THR A 605 -2.17 23.08 -5.43
C THR A 605 -3.68 23.11 -5.27
N GLN A 606 -4.20 22.52 -4.19
CA GLN A 606 -5.64 22.57 -3.95
C GLN A 606 -6.12 23.99 -3.70
N LEU A 607 -5.39 24.75 -2.88
CA LEU A 607 -5.79 26.13 -2.61
C LEU A 607 -5.70 26.98 -3.87
N LEU A 608 -4.60 26.86 -4.62
CA LEU A 608 -4.44 27.64 -5.83
C LEU A 608 -5.43 27.20 -6.90
N ASN A 609 -5.76 25.90 -6.93
CA ASN A 609 -6.69 25.41 -7.94
C ASN A 609 -8.08 26.03 -7.78
N ARG A 610 -8.56 26.16 -6.54
CA ARG A 610 -9.90 26.72 -6.36
C ARG A 610 -9.89 28.23 -6.39
N LEU A 611 -8.72 28.86 -6.26
CA LEU A 611 -8.63 30.30 -6.51
C LEU A 611 -8.72 30.60 -8.00
N VAL A 612 -8.04 29.81 -8.83
CA VAL A 612 -8.23 29.90 -10.28
C VAL A 612 -9.65 29.50 -10.65
N ARG A 613 -10.20 28.51 -9.94
CA ARG A 613 -11.59 28.14 -10.15
C ARG A 613 -12.52 29.31 -9.85
N ASP A 614 -12.23 30.03 -8.77
CA ASP A 614 -13.05 31.14 -8.30
C ASP A 614 -12.72 32.46 -8.98
N LYS A 615 -12.01 32.42 -10.10
CA LYS A 615 -11.69 33.60 -10.89
C LYS A 615 -10.91 34.64 -10.10
N LYS A 616 -10.31 34.25 -8.98
CA LYS A 616 -9.44 35.18 -8.25
C LYS A 616 -8.11 35.36 -8.98
N LEU A 617 -7.58 34.29 -9.56
CA LEU A 617 -6.36 34.33 -10.34
C LEU A 617 -6.73 34.12 -11.81
N VAL A 618 -6.15 34.93 -12.70
CA VAL A 618 -6.54 34.92 -14.10
C VAL A 618 -5.31 34.70 -14.97
N PRO A 619 -4.88 33.46 -15.18
CA PRO A 619 -3.77 33.21 -16.12
C PRO A 619 -4.14 33.67 -17.52
N VAL A 620 -3.14 34.17 -18.25
CA VAL A 620 -3.35 34.64 -19.62
C VAL A 620 -2.45 33.85 -20.56
N GLN A 629 7.96 23.01 -25.70
CA GLN A 629 6.55 23.38 -25.77
C GLN A 629 5.71 22.60 -24.76
N PRO A 630 5.76 21.27 -24.81
CA PRO A 630 5.00 20.47 -23.84
C PRO A 630 5.62 20.51 -22.46
N VAL A 631 4.82 20.14 -21.47
CA VAL A 631 5.24 20.06 -20.08
C VAL A 631 4.83 18.69 -19.54
N THR A 632 5.62 18.18 -18.60
CA THR A 632 5.34 16.92 -17.95
C THR A 632 5.29 17.12 -16.44
N TYR A 633 4.41 16.38 -15.77
CA TYR A 633 4.18 16.54 -14.34
C TYR A 633 4.59 15.27 -13.61
N HIS A 634 5.42 15.44 -12.58
CA HIS A 634 5.83 14.37 -11.69
C HIS A 634 4.90 14.34 -10.47
N ASP A 635 4.16 13.25 -10.32
CA ASP A 635 3.25 13.13 -9.20
C ASP A 635 4.02 12.80 -7.92
N PRO A 636 3.97 13.65 -6.90
CA PRO A 636 4.57 13.27 -5.61
C PRO A 636 3.78 12.13 -4.98
N CYS A 637 4.51 11.12 -4.50
CA CYS A 637 3.84 9.94 -3.96
C CYS A 637 3.02 10.27 -2.73
N PHE A 638 3.48 11.24 -1.92
CA PHE A 638 2.71 11.64 -0.76
C PHE A 638 1.59 12.62 -1.10
N LEU A 639 1.59 13.17 -2.31
CA LEU A 639 0.49 14.00 -2.78
C LEU A 639 -0.46 13.18 -3.65
N GLY A 640 0.06 12.52 -4.67
CA GLY A 640 -0.75 11.69 -5.52
C GLY A 640 -1.19 10.40 -4.86
N ARG A 641 -0.24 9.49 -4.62
CA ARG A 641 -0.61 8.14 -4.23
C ARG A 641 -1.18 8.10 -2.81
N HIS A 642 -0.52 8.75 -1.85
CA HIS A 642 -0.96 8.65 -0.47
C HIS A 642 -2.24 9.42 -0.23
N ASN A 643 -2.35 10.64 -0.75
CA ASN A 643 -3.48 11.51 -0.49
C ASN A 643 -4.45 11.62 -1.65
N LYS A 644 -4.22 10.88 -2.74
CA LYS A 644 -5.16 10.80 -3.86
C LYS A 644 -5.44 12.18 -4.45
N VAL A 645 -4.40 13.00 -4.56
CA VAL A 645 -4.53 14.32 -5.17
C VAL A 645 -3.87 14.28 -6.55
N TYR A 646 -4.66 14.01 -7.58
CA TYR A 646 -4.17 13.94 -8.95
C TYR A 646 -4.68 15.05 -9.84
N GLU A 647 -5.97 15.37 -9.78
CA GLU A 647 -6.54 16.31 -10.74
C GLU A 647 -6.12 17.74 -10.44
N ALA A 648 -6.06 18.12 -9.17
CA ALA A 648 -5.78 19.52 -8.83
C ALA A 648 -4.44 19.99 -9.35
N PRO A 649 -3.33 19.28 -9.13
CA PRO A 649 -2.05 19.76 -9.70
C PRO A 649 -2.07 19.89 -11.20
N ARG A 650 -2.74 18.97 -11.89
CA ARG A 650 -2.76 18.99 -13.35
C ARG A 650 -3.62 20.13 -13.88
N GLU A 651 -4.69 20.47 -13.18
CA GLU A 651 -5.53 21.58 -13.62
C GLU A 651 -4.76 22.89 -13.60
N LEU A 652 -3.90 23.07 -12.60
CA LEU A 652 -3.04 24.26 -12.58
C LEU A 652 -2.12 24.29 -13.79
N VAL A 653 -1.55 23.13 -14.14
CA VAL A 653 -0.67 23.07 -15.31
C VAL A 653 -1.43 23.45 -16.57
N GLU A 654 -2.64 22.92 -16.73
CA GLU A 654 -3.45 23.24 -17.91
C GLU A 654 -3.90 24.69 -17.88
N ALA A 655 -4.30 25.20 -16.71
CA ALA A 655 -4.76 26.57 -16.61
C ALA A 655 -3.64 27.57 -16.89
N SER A 656 -2.38 27.15 -16.83
CA SER A 656 -1.26 28.03 -17.09
C SER A 656 -0.93 28.14 -18.58
N GLY A 657 -1.60 27.39 -19.44
CA GLY A 657 -1.42 27.50 -20.87
C GLY A 657 -0.46 26.51 -21.49
N VAL A 658 0.18 25.65 -20.71
CA VAL A 658 1.11 24.68 -21.24
C VAL A 658 0.37 23.37 -21.50
N THR A 659 0.92 22.55 -22.39
CA THR A 659 0.34 21.27 -22.74
C THR A 659 0.97 20.19 -21.87
N LEU A 660 0.13 19.45 -21.15
CA LEU A 660 0.60 18.44 -20.20
C LEU A 660 0.75 17.10 -20.91
N LYS A 661 1.96 16.54 -20.84
CA LYS A 661 2.25 15.23 -21.43
C LYS A 661 2.49 14.24 -20.29
N GLU A 662 1.60 13.28 -20.14
CA GLU A 662 1.73 12.29 -19.08
C GLU A 662 2.91 11.36 -19.37
N MET A 663 3.67 11.05 -18.33
CA MET A 663 4.78 10.12 -18.46
C MET A 663 4.26 8.69 -18.61
N PRO A 664 5.11 7.78 -19.06
CA PRO A 664 4.70 6.37 -19.09
C PRO A 664 4.22 5.86 -17.74
N ARG A 665 4.85 6.32 -16.66
CA ARG A 665 4.45 6.01 -15.30
C ARG A 665 4.02 7.31 -14.62
N HIS A 666 2.74 7.39 -14.26
CA HIS A 666 2.18 8.64 -13.75
C HIS A 666 0.92 8.32 -12.97
N ALA A 667 0.39 9.33 -12.29
CA ALA A 667 -0.83 9.21 -11.50
C ALA A 667 -0.57 8.18 -10.40
N ASP A 668 -1.49 7.26 -10.14
CA ASP A 668 -1.32 6.28 -9.07
C ASP A 668 -0.22 5.27 -9.36
N ARG A 669 0.29 5.22 -10.59
CA ARG A 669 1.42 4.37 -10.95
C ARG A 669 2.70 5.17 -11.17
N GLY A 670 2.73 6.38 -10.65
CA GLY A 670 3.92 7.18 -10.79
C GLY A 670 5.12 6.51 -10.16
N LEU A 671 6.31 6.94 -10.53
CA LEU A 671 7.53 6.41 -9.93
C LEU A 671 8.10 7.40 -8.92
N CYS A 672 8.66 6.87 -7.85
CA CYS A 672 9.38 7.68 -6.88
C CYS A 672 10.63 8.28 -7.50
N CYS A 673 11.03 9.44 -7.00
CA CYS A 673 12.34 10.00 -7.27
C CYS A 673 13.35 9.66 -6.18
N GLY A 674 12.94 8.88 -5.18
CA GLY A 674 13.86 8.41 -4.17
C GLY A 674 14.02 9.30 -2.97
N ALA A 675 13.10 10.23 -2.73
CA ALA A 675 13.22 11.17 -1.63
C ALA A 675 12.42 10.81 -0.41
N GLY A 676 11.41 9.94 -0.54
CA GLY A 676 10.55 9.63 0.58
C GLY A 676 11.19 8.70 1.58
N GLY A 677 10.54 8.57 2.73
CA GLY A 677 10.99 7.62 3.73
C GLY A 677 12.39 7.89 4.23
N ALA A 678 12.76 9.17 4.36
CA ALA A 678 14.07 9.60 4.84
C ALA A 678 15.20 9.28 3.88
N ARG A 679 14.90 8.76 2.68
CA ARG A 679 15.94 8.46 1.72
C ARG A 679 16.58 9.72 1.16
N MET A 680 15.93 10.88 1.33
CA MET A 680 16.52 12.15 0.94
C MET A 680 17.84 12.40 1.66
N TRP A 681 17.98 11.86 2.87
CA TRP A 681 19.14 12.14 3.71
C TRP A 681 20.18 11.04 3.71
N MET A 682 19.80 9.81 3.36
CA MET A 682 20.78 8.76 3.13
C MET A 682 21.38 8.90 1.74
N GLU A 683 22.23 7.95 1.36
CA GLU A 683 22.88 7.97 0.06
C GLU A 683 22.72 6.61 -0.61
N GLU A 684 22.51 6.63 -1.92
CA GLU A 684 22.16 5.42 -2.67
C GLU A 684 23.43 4.72 -3.12
N HIS A 685 23.88 3.74 -2.34
CA HIS A 685 25.07 2.98 -2.70
C HIS A 685 24.76 1.93 -3.77
N ILE A 686 23.57 1.35 -3.76
CA ILE A 686 23.28 0.14 -4.52
C ILE A 686 22.52 0.50 -5.79
N GLY A 687 22.99 -0.02 -6.92
CA GLY A 687 22.22 0.03 -8.14
C GLY A 687 22.05 1.43 -8.72
N LYS A 688 21.17 1.50 -9.71
CA LYS A 688 20.86 2.77 -10.34
C LYS A 688 20.20 3.71 -9.34
N ARG A 689 20.41 5.01 -9.54
CA ARG A 689 19.81 6.00 -8.65
C ARG A 689 18.36 6.25 -9.06
N VAL A 690 17.45 6.26 -8.08
CA VAL A 690 16.03 6.36 -8.39
C VAL A 690 15.73 7.65 -9.12
N ASN A 691 16.28 8.77 -8.64
CA ASN A 691 16.01 10.05 -9.29
C ASN A 691 16.54 10.06 -10.72
N VAL A 692 17.61 9.31 -10.99
CA VAL A 692 18.14 9.25 -12.35
C VAL A 692 17.19 8.47 -13.26
N GLU A 693 16.64 7.36 -12.76
CA GLU A 693 15.70 6.59 -13.57
C GLU A 693 14.45 7.41 -13.89
N ARG A 694 13.90 8.11 -12.89
CA ARG A 694 12.73 8.93 -13.15
C ARG A 694 13.06 10.07 -14.11
N THR A 695 14.22 10.70 -13.94
CA THR A 695 14.56 11.84 -14.78
C THR A 695 14.73 11.43 -16.24
N GLU A 696 15.35 10.27 -16.48
CA GLU A 696 15.51 9.80 -17.85
C GLU A 696 14.15 9.60 -18.50
N GLU A 697 13.19 9.03 -17.76
CA GLU A 697 11.82 8.92 -18.27
C GLU A 697 11.21 10.30 -18.45
N ALA A 698 11.40 11.19 -17.49
CA ALA A 698 10.79 12.52 -17.58
C ALA A 698 11.35 13.30 -18.76
N MET A 699 12.67 13.27 -18.96
CA MET A 699 13.27 14.04 -20.04
C MET A 699 12.85 13.51 -21.41
N ASP A 700 12.65 12.21 -21.53
CA ASP A 700 12.17 11.66 -22.80
C ASP A 700 10.78 12.18 -23.13
N THR A 701 9.99 12.51 -22.12
CA THR A 701 8.61 12.95 -22.35
C THR A 701 8.54 14.40 -22.79
N ALA A 702 9.09 15.31 -21.98
CA ALA A 702 9.05 16.73 -22.31
C ALA A 702 10.27 17.40 -21.69
N SER A 703 10.61 18.57 -22.24
CA SER A 703 11.78 19.31 -21.79
C SER A 703 11.51 20.16 -20.55
N THR A 704 10.26 20.27 -20.12
CA THR A 704 9.90 21.01 -18.92
C THR A 704 9.18 20.07 -17.96
N ILE A 705 9.65 20.00 -16.73
CA ILE A 705 9.13 19.08 -15.72
C ILE A 705 8.51 19.91 -14.61
N ALA A 706 7.27 19.57 -14.24
CA ALA A 706 6.54 20.24 -13.18
C ALA A 706 6.43 19.29 -11.99
N THR A 707 6.78 19.78 -10.81
CA THR A 707 6.79 19.00 -9.59
C THR A 707 5.87 19.65 -8.55
N GLY A 708 5.71 18.97 -7.42
CA GLY A 708 4.84 19.48 -6.37
C GLY A 708 5.42 19.34 -4.98
N CYS A 709 6.71 19.06 -4.87
CA CYS A 709 7.36 18.88 -3.59
C CYS A 709 8.70 19.60 -3.57
N PRO A 710 9.14 20.08 -2.40
CA PRO A 710 10.52 20.56 -2.29
C PRO A 710 11.56 19.50 -2.60
N PHE A 711 11.30 18.25 -2.22
CA PHE A 711 12.28 17.19 -2.40
C PHE A 711 12.25 16.61 -3.81
N CYS A 712 11.07 16.57 -4.44
CA CYS A 712 11.00 16.14 -5.83
C CYS A 712 11.80 17.08 -6.71
N ARG A 713 11.67 18.39 -6.48
CA ARG A 713 12.42 19.36 -7.28
C ARG A 713 13.92 19.18 -7.09
N VAL A 714 14.36 18.96 -5.86
CA VAL A 714 15.78 18.80 -5.59
C VAL A 714 16.31 17.55 -6.27
N MET A 715 15.60 16.42 -6.12
CA MET A 715 16.05 15.17 -6.72
C MET A 715 16.02 15.24 -8.23
N ILE A 716 14.88 15.64 -8.80
CA ILE A 716 14.76 15.69 -10.26
C ILE A 716 15.73 16.72 -10.84
N THR A 717 15.87 17.87 -10.18
CA THR A 717 16.84 18.85 -10.64
C THR A 717 18.24 18.29 -10.62
N ASP A 718 18.60 17.58 -9.54
CA ASP A 718 19.91 16.92 -9.49
C ASP A 718 20.00 15.83 -10.54
N GLY A 719 18.90 15.11 -10.79
CA GLY A 719 18.91 14.08 -11.81
C GLY A 719 19.10 14.65 -13.20
N VAL A 720 18.50 15.81 -13.48
CA VAL A 720 18.66 16.45 -14.78
C VAL A 720 20.11 16.79 -15.03
N ASP A 721 20.84 17.20 -13.99
CA ASP A 721 22.26 17.45 -14.14
C ASP A 721 23.02 16.19 -14.54
N ASP A 722 22.70 15.06 -13.91
CA ASP A 722 23.36 13.81 -14.25
C ASP A 722 22.94 13.33 -15.63
N VAL A 723 21.64 13.30 -15.90
CA VAL A 723 21.15 12.76 -17.16
C VAL A 723 21.63 13.61 -18.33
N ALA A 724 21.51 14.94 -18.20
CA ALA A 724 21.91 15.82 -19.28
C ALA A 724 23.41 15.70 -19.57
N ALA A 725 24.22 15.64 -18.51
CA ALA A 725 25.67 15.50 -18.72
C ALA A 725 25.99 14.18 -19.39
N SER A 726 25.34 13.10 -18.97
CA SER A 726 25.57 11.80 -19.61
C SER A 726 25.09 11.81 -21.05
N ARG A 727 23.95 12.43 -21.32
CA ARG A 727 23.40 12.49 -22.67
C ARG A 727 24.00 13.61 -23.52
N ASN A 728 24.75 14.52 -22.92
CA ASN A 728 25.32 15.67 -23.64
C ASN A 728 24.24 16.47 -24.35
N VAL A 729 23.16 16.76 -23.63
CA VAL A 729 22.06 17.56 -24.14
C VAL A 729 21.75 18.65 -23.13
N GLU A 730 21.07 19.69 -23.61
CA GLU A 730 20.71 20.81 -22.75
C GLU A 730 19.79 20.35 -21.62
N LYS A 731 20.01 20.89 -20.43
CA LYS A 731 19.25 20.47 -19.26
C LYS A 731 17.77 20.79 -19.43
N ALA A 732 16.93 19.88 -18.96
CA ALA A 732 15.49 20.12 -18.95
C ALA A 732 15.13 21.06 -17.81
N GLU A 733 14.12 21.89 -18.03
CA GLU A 733 13.69 22.88 -17.04
C GLU A 733 12.78 22.21 -16.02
N VAL A 734 13.17 22.25 -14.75
CA VAL A 734 12.35 21.71 -13.67
C VAL A 734 11.76 22.87 -12.89
N LEU A 735 10.43 22.90 -12.80
CA LEU A 735 9.70 23.96 -12.11
C LEU A 735 8.64 23.34 -11.22
N ASP A 736 8.09 24.16 -10.33
CA ASP A 736 6.97 23.76 -9.51
C ASP A 736 5.68 24.29 -10.12
N VAL A 737 4.58 23.57 -9.91
CA VAL A 737 3.30 23.97 -10.51
C VAL A 737 2.92 25.37 -10.06
N ALA A 738 3.41 25.81 -8.89
CA ALA A 738 3.18 27.19 -8.47
C ALA A 738 3.96 28.16 -9.34
N GLN A 739 5.19 27.80 -9.72
CA GLN A 739 5.98 28.69 -10.57
C GLN A 739 5.45 28.73 -12.00
N LEU A 740 4.90 27.62 -12.50
CA LEU A 740 4.26 27.66 -13.81
C LEU A 740 3.06 28.61 -13.80
N LEU A 741 2.25 28.54 -12.75
CA LEU A 741 1.10 29.42 -12.65
C LEU A 741 1.54 30.88 -12.59
N LEU A 742 2.53 31.18 -11.75
CA LEU A 742 2.96 32.56 -11.57
C LEU A 742 3.47 33.16 -12.87
N ASN A 743 4.24 32.38 -13.63
CA ASN A 743 4.81 32.90 -14.87
C ASN A 743 3.72 33.27 -15.87
N SER A 744 2.59 32.56 -15.85
CA SER A 744 1.50 32.86 -16.79
C SER A 744 0.64 34.02 -16.35
N LEU A 745 0.69 34.41 -15.08
CA LEU A 745 -0.11 35.54 -14.60
C LEU A 745 0.41 36.84 -15.18
N ASP A 746 -0.52 37.76 -15.45
CA ASP A 746 -0.19 39.12 -15.85
C ASP A 746 -0.20 40.00 -14.59
N THR A 747 0.91 39.97 -13.88
CA THR A 747 1.03 40.66 -12.60
C THR A 747 1.36 42.14 -12.74
N SER A 748 1.56 42.64 -13.97
CA SER A 748 1.89 44.05 -14.14
C SER A 748 0.78 44.95 -13.62
N LYS A 749 -0.47 44.47 -13.65
CA LYS A 749 -1.61 45.26 -13.21
C LYS A 749 -1.90 45.14 -11.72
N VAL A 750 -1.19 44.26 -11.00
CA VAL A 750 -1.47 43.97 -9.61
C VAL A 750 -0.42 44.66 -8.74
N THR A 751 -0.89 45.37 -7.72
CA THR A 751 -0.03 46.02 -6.73
C THR A 751 -0.17 45.26 -5.41
N LEU A 752 0.85 44.51 -5.05
CA LEU A 752 0.81 43.69 -3.85
C LEU A 752 0.95 44.57 -2.60
N PRO A 753 0.50 44.08 -1.45
CA PRO A 753 0.57 44.90 -0.23
C PRO A 753 1.99 45.31 0.10
N GLU A 754 2.14 46.56 0.56
CA GLU A 754 3.45 47.07 0.95
C GLU A 754 3.84 46.51 2.31
N LYS A 755 5.15 46.40 2.52
CA LYS A 755 5.66 45.86 3.78
C LYS A 755 5.09 46.64 4.96
N GLY A 756 4.64 45.91 5.98
CA GLY A 756 4.06 46.53 7.16
C GLY A 756 2.58 46.82 7.07
N THR A 757 1.94 46.53 5.93
CA THR A 757 0.51 46.81 5.82
C THR A 757 -0.30 45.99 6.82
N ALA A 758 0.03 44.71 6.97
CA ALA A 758 -0.66 43.89 7.96
C ALA A 758 -0.36 44.34 9.37
N ALA A 759 0.88 44.79 9.63
CA ALA A 759 1.21 45.28 10.96
C ALA A 759 0.38 46.50 11.32
N LYS A 760 0.19 47.42 10.37
CA LYS A 760 -0.61 48.61 10.64
C LYS A 760 -2.06 48.23 10.95
N GLU A 761 -2.62 47.28 10.19
CA GLU A 761 -3.99 46.86 10.46
C GLU A 761 -4.12 46.23 11.83
N SER A 762 -3.14 45.42 12.23
CA SER A 762 -3.19 44.82 13.56
C SER A 762 -3.16 45.90 14.64
N GLU A 763 -2.29 46.90 14.47
CA GLU A 763 -2.26 48.00 15.43
C GLU A 763 -3.58 48.76 15.42
N LYS A 764 -4.16 48.99 14.24
CA LYS A 764 -5.44 49.69 14.16
C LYS A 764 -6.55 48.91 14.86
N ARG A 765 -6.66 47.61 14.56
CA ARG A 765 -7.67 46.80 15.22
C ARG A 765 -7.43 46.73 16.73
N ALA A 766 -6.19 46.50 17.12
CA ALA A 766 -5.86 46.46 18.55
C ALA A 766 -6.10 47.81 19.21
N ALA A 767 -5.65 48.89 18.57
CA ALA A 767 -5.84 50.21 19.14
C ALA A 767 -7.32 50.57 19.20
N ALA A 768 -8.07 50.27 18.15
CA ALA A 768 -9.49 50.59 18.14
C ALA A 768 -10.24 49.85 19.24
N ARG A 769 -9.93 48.56 19.41
CA ARG A 769 -10.58 47.80 20.47
C ARG A 769 -10.22 48.36 21.84
N ALA A 770 -8.95 48.72 22.05
CA ALA A 770 -8.55 49.29 23.33
C ALA A 770 -9.28 50.58 23.61
N GLU A 771 -9.39 51.46 22.61
CA GLU A 771 -10.10 52.72 22.82
C GLU A 771 -11.58 52.48 23.11
N ALA A 772 -12.20 51.54 22.38
CA ALA A 772 -13.62 51.27 22.59
C ALA A 772 -13.88 50.76 24.00
N GLU A 773 -13.04 49.85 24.49
CA GLU A 773 -13.21 49.33 25.84
C GLU A 773 -12.82 50.37 26.89
N ALA A 774 -11.74 51.11 26.64
CA ALA A 774 -11.28 52.09 27.61
C ALA A 774 -12.32 53.18 27.82
N LYS A 775 -12.92 53.67 26.73
CA LYS A 775 -13.92 54.74 26.83
C LYS A 775 -15.23 54.24 27.41
N ALA A 776 -15.48 52.93 27.39
CA ALA A 776 -16.73 52.38 27.89
C ALA A 776 -16.64 52.03 29.37
N GLU A 777 -15.58 51.32 29.77
CA GLU A 777 -15.40 50.94 31.17
C GLU A 777 -15.10 52.16 32.02
C1B LMT B . -10.10 -10.66 18.33
C2B LMT B . -10.50 -9.18 18.38
C3B LMT B . -9.26 -8.31 18.70
C4B LMT B . -8.54 -8.84 19.96
C5B LMT B . -8.30 -10.33 19.78
C6B LMT B . -7.61 -10.91 21.03
O1B LMT B . -9.23 -10.85 17.26
O2B LMT B . -11.00 -8.86 17.14
O3B LMT B . -9.60 -6.98 18.80
O4' LMT B . -7.32 -8.20 20.12
O5B LMT B . -9.48 -11.04 19.52
O6B LMT B . -7.73 -12.27 21.04
C1' LMT B . -8.85 -13.27 13.95
C2' LMT B . -10.29 -12.89 14.33
C3' LMT B . -10.31 -11.71 15.34
C4' LMT B . -9.38 -12.03 16.52
C5' LMT B . -8.02 -12.34 15.88
C6' LMT B . -6.90 -12.46 16.86
O1' LMT B . -8.84 -14.43 13.24
O2' LMT B . -10.93 -12.48 13.19
O3' LMT B . -11.57 -11.48 15.80
O5' LMT B . -8.11 -13.52 15.13
O6' LMT B . -7.46 -12.86 18.04
C1 LMT B . -7.83 -14.52 12.26
C2 LMT B . -8.24 -15.67 11.40
C3 LMT B . -7.90 -17.03 11.91
C4 LMT B . -8.45 -18.03 10.93
C5 LMT B . -7.36 -18.80 10.29
C6 LMT B . -7.87 -19.68 9.20
C7 LMT B . -6.84 -20.71 8.85
C8 LMT B . -7.38 -21.60 7.80
C9 LMT B . -7.42 -20.98 6.44
C10 LMT B . -7.98 -21.99 5.48
C11 LMT B . -7.50 -21.73 4.09
C12 LMT B . -8.09 -22.70 3.11
C5 MQ9 C . -9.93 -25.63 -4.59
C5M MQ9 C . -9.10 -25.52 -3.30
C4 MQ9 C . -9.77 -24.61 -5.69
O4 MQ9 C . -9.00 -23.71 -5.56
C3 MQ9 C . -10.62 -24.72 -7.00
C2 MQ9 C . -11.54 -25.79 -7.16
C1 MQ9 C . -11.71 -26.87 -6.03
O1 MQ9 C . -12.48 -27.76 -6.17
C6 MQ9 C . -10.89 -26.76 -4.75
C3A MQ9 C . -10.47 -23.78 -8.01
C3B MQ9 C . -11.24 -23.88 -9.18
C3C MQ9 C . -12.14 -24.95 -9.35
C3D MQ9 C . -12.29 -25.90 -8.34
C7 MQ9 C . -11.06 -27.82 -3.64
CHA HEM D . -4.36 -16.17 -7.76
CHB HEM D . -7.83 -19.45 -6.96
CHC HEM D . -10.00 -16.40 -3.87
CHD HEM D . -6.59 -13.07 -4.74
C1A HEM D . -5.06 -17.35 -7.75
C2A HEM D . -4.62 -18.62 -8.30
C3A HEM D . -5.58 -19.51 -8.07
C4A HEM D . -6.66 -18.86 -7.37
CMA HEM D . -5.55 -21.00 -8.51
CAA HEM D . -3.28 -18.88 -9.03
CBA HEM D . -3.10 -17.89 -10.17
CGA HEM D . -1.80 -18.20 -10.88
O1A HEM D . -1.13 -19.19 -10.49
O2A HEM D . -1.43 -17.45 -11.82
C1B HEM D . -8.75 -18.88 -6.11
C2B HEM D . -10.05 -19.43 -5.78
C3B HEM D . -10.67 -18.61 -4.93
C4B HEM D . -9.77 -17.49 -4.69
CMB HEM D . -10.61 -20.77 -6.34
CAB HEM D . -12.08 -18.85 -4.34
CBB HEM D . -12.70 -17.91 -3.61
C1C HEM D . -9.31 -15.21 -3.90
C2C HEM D . -9.76 -13.97 -3.33
C3C HEM D . -8.84 -13.03 -3.57
C4C HEM D . -7.75 -13.66 -4.30
CMC HEM D . -11.10 -13.76 -2.58
CAC HEM D . -8.95 -11.56 -3.11
CBC HEM D . -8.08 -10.62 -3.49
C1D HEM D . -5.71 -13.62 -5.65
C2D HEM D . -4.59 -12.95 -6.25
C3D HEM D . -3.98 -13.80 -7.07
C4D HEM D . -4.70 -15.04 -7.04
CMD HEM D . -4.16 -11.50 -5.96
CAD HEM D . -2.73 -13.50 -7.92
CBD HEM D . -3.13 -13.31 -9.37
CGD HEM D . -1.89 -13.10 -10.21
O1D HEM D . -0.84 -13.71 -9.87
O2D HEM D . -1.95 -12.35 -11.20
NA HEM D . -6.31 -17.54 -7.18
NB HEM D . -8.62 -17.70 -5.42
NC HEM D . -8.08 -14.99 -4.48
ND HEM D . -5.76 -14.91 -6.16
FE HEM D . -7.19 -16.30 -5.80
FE1 SF4 E . 3.04 -8.47 -3.26
FE2 SF4 E . 2.17 -10.73 -1.97
FE3 SF4 E . 1.02 -9.97 -4.34
FE4 SF4 E . 0.58 -8.51 -2.07
S1 SF4 E . -0.05 -10.67 -2.46
S2 SF4 E . 1.09 -7.71 -4.14
S3 SF4 E . 2.60 -8.70 -1.04
S4 SF4 E . 3.19 -10.62 -4.01
FE1 SF4 F . 7.74 1.78 -2.39
FE2 SF4 F . 9.01 0.82 -0.15
FE3 SF4 F . 9.19 -0.54 -2.52
FE4 SF4 F . 6.82 -0.48 -1.15
S1 SF4 F . 8.78 -1.42 -0.45
S2 SF4 F . 7.11 -0.17 -3.38
S3 SF4 F . 6.88 1.62 -0.27
S4 SF4 F . 9.99 1.55 -2.09
S1 9S8 G . 9.26 13.44 -1.63
FE2 9S8 G . 7.20 14.49 -1.47
S3 9S8 G . 5.74 13.00 -2.27
FE4 9S8 G . 7.71 11.92 -2.55
S5 9S8 G . 7.97 9.88 -1.62
FE6 9S8 G . 8.07 9.42 -3.80
S7 9S8 G . 8.10 11.49 -4.82
FE9 9S8 G . 9.91 12.62 -3.77
S1 A1CBX H . 11.92 18.56 6.14
S2 A1CBX H . 9.60 20.44 7.98
S3 A1CBX H . 8.33 17.74 5.73
S4 A1CBX H . 9.53 20.62 4.21
FE1 A1CBX H . 9.85 19.36 6.02
FE2 A1CBX H . 11.71 19.84 7.90
FE3 A1CBX H . 7.76 19.35 4.36
#